data_8JB1
#
_entry.id   8JB1
#
_cell.length_a   92.754
_cell.length_b   92.754
_cell.length_c   287.554
_cell.angle_alpha   90.00
_cell.angle_beta   90.00
_cell.angle_gamma   90.00
#
_symmetry.space_group_name_H-M   'P 43 2 2'
#
loop_
_entity.id
_entity.type
_entity.pdbx_description
1 polymer 'Glyceraldehyde-3-phosphate dehydrogenase'
2 non-polymer 'NADP NICOTINAMIDE-ADENINE-DINUCLEOTIDE PHOSPHATE'
3 non-polymer GLYCEROL
4 water water
#
_entity_poly.entity_id   1
_entity_poly.type   'polypeptide(L)'
_entity_poly.pdbx_seq_one_letter_code
;MTHNHKDWNDRIAVAEEMVPLIGRLHRNNNVVVSVFGRLLVNVSDIDIIKSHRYARHIISKELPLESSLDILRELVDMNL
GTASIDLGQLAYSFEESESTDLRAFLEDALAPVIGAETDINPTDIVLYGFGRIGRLLARILVSREALYDGARLRAIVVRK
NGEEDLVKRASLLRRDSVHGGFDGTITTDYDNNIIWANGTPIKVIYSNDPATIDYTEYGINDAVVVDNTGRWRDREGLSQ
HLKSKGVAKVVLTAPGKGDLKNIVYGINHTDITADDQIVSAASCTTNAITPVLKVINDRYGVEFGHVETVHSFTNDQNLI
DNFHKGSRRGRAAGLNMVLTETGAAKAVSKALPELEGKLTGNAIRVPTPDVSMAVLNLTLNTEVDRDEVNEFLRRVSLHS
DLRQQIDWIRSPEVVSTDFVGTTHAGIVDGLATIATGRHLVLYVWYDNEFGYSNQVIRIVEEIAGVRPRVYPERRQPAVL
LEHHHHHH
;
_entity_poly.pdbx_strand_id   A,B
#
loop_
_chem_comp.id
_chem_comp.type
_chem_comp.name
_chem_comp.formula
GOL non-polymer GLYCEROL 'C3 H8 O3'
NAP non-polymer 'NADP NICOTINAMIDE-ADENINE-DINUCLEOTIDE PHOSPHATE' 'C21 H28 N7 O17 P3'
#
# COMPACT_ATOMS: atom_id res chain seq x y z
N HIS A 3 -10.95 -5.38 23.85
CA HIS A 3 -10.37 -6.71 23.50
C HIS A 3 -8.84 -6.62 23.67
N ASN A 4 -8.12 -7.61 23.15
CA ASN A 4 -6.66 -7.64 23.16
C ASN A 4 -6.15 -8.55 22.05
N HIS A 5 -4.82 -8.65 21.97
CA HIS A 5 -4.13 -9.55 21.06
C HIS A 5 -3.08 -10.34 21.84
N LYS A 6 -3.46 -10.88 23.01
CA LYS A 6 -2.58 -11.71 23.82
C LYS A 6 -2.22 -12.99 23.06
N ASP A 7 -2.98 -13.28 22.01
CA ASP A 7 -3.00 -14.58 21.36
C ASP A 7 -2.49 -14.46 19.93
N TRP A 8 -1.88 -13.30 19.60
CA TRP A 8 -1.54 -12.97 18.21
C TRP A 8 -0.49 -13.92 17.62
N ASN A 9 0.55 -14.24 18.41
CA ASN A 9 1.60 -15.13 17.94
C ASN A 9 1.04 -16.54 17.77
N ASP A 10 0.04 -16.92 18.60
CA ASP A 10 -0.70 -18.16 18.38
C ASP A 10 -1.40 -18.11 17.02
N ARG A 11 -2.02 -16.97 16.71
CA ARG A 11 -2.85 -16.81 15.52
C ARG A 11 -1.99 -16.89 14.27
N ILE A 12 -0.80 -16.27 14.28
CA ILE A 12 0.07 -16.29 13.10
C ILE A 12 0.40 -17.74 12.78
N ALA A 13 0.67 -18.53 13.83
CA ALA A 13 1.19 -19.89 13.73
C ALA A 13 0.30 -20.78 12.86
N VAL A 14 -0.98 -20.75 13.18
CA VAL A 14 -2.00 -21.51 12.48
C VAL A 14 -2.07 -21.05 11.03
N ALA A 15 -2.33 -19.75 10.83
CA ALA A 15 -2.48 -19.19 9.49
C ALA A 15 -1.43 -19.80 8.57
N GLU A 16 -0.19 -19.91 9.07
CA GLU A 16 0.97 -20.35 8.29
C GLU A 16 0.91 -21.83 7.93
N GLU A 17 0.24 -22.65 8.76
CA GLU A 17 -0.06 -24.03 8.42
C GLU A 17 -1.18 -24.10 7.37
N MET A 18 -1.94 -23.01 7.21
CA MET A 18 -2.93 -22.93 6.15
C MET A 18 -2.26 -22.70 4.81
N VAL A 19 -1.34 -21.74 4.76
CA VAL A 19 -0.82 -21.20 3.50
C VAL A 19 -0.43 -22.31 2.52
N PRO A 20 0.37 -23.34 2.90
CA PRO A 20 0.75 -24.38 1.95
C PRO A 20 -0.44 -25.18 1.42
N LEU A 21 -1.54 -25.21 2.19
CA LEU A 21 -2.71 -25.98 1.83
C LEU A 21 -3.63 -25.15 0.92
N ILE A 22 -3.80 -23.85 1.22
CA ILE A 22 -4.50 -22.95 0.33
C ILE A 22 -3.81 -22.96 -1.04
N GLY A 23 -2.47 -22.98 -1.03
CA GLY A 23 -1.64 -22.98 -2.23
C GLY A 23 -1.72 -24.28 -3.05
N ARG A 24 -2.01 -25.41 -2.40
CA ARG A 24 -2.19 -26.67 -3.13
C ARG A 24 -3.45 -26.53 -3.97
N LEU A 25 -4.56 -26.24 -3.26
CA LEU A 25 -5.88 -26.15 -3.85
C LEU A 25 -5.84 -25.27 -5.10
N HIS A 26 -5.21 -24.11 -4.97
CA HIS A 26 -5.16 -23.12 -6.04
C HIS A 26 -4.39 -23.69 -7.23
N ARG A 27 -3.23 -24.33 -7.00
CA ARG A 27 -2.43 -24.85 -8.11
C ARG A 27 -3.09 -26.12 -8.68
N ASN A 28 -3.23 -27.14 -7.83
CA ASN A 28 -3.63 -28.48 -8.23
C ASN A 28 -5.08 -28.49 -8.70
N ASN A 29 -5.96 -27.82 -7.96
CA ASN A 29 -7.39 -28.04 -8.11
C ASN A 29 -8.12 -26.79 -8.58
N ASN A 30 -7.41 -25.70 -8.88
CA ASN A 30 -8.01 -24.46 -9.39
C ASN A 30 -9.16 -23.99 -8.50
N VAL A 31 -8.89 -24.00 -7.18
CA VAL A 31 -9.84 -23.61 -6.15
C VAL A 31 -9.31 -22.38 -5.41
N VAL A 32 -10.14 -21.34 -5.35
CA VAL A 32 -9.87 -20.18 -4.52
C VAL A 32 -10.67 -20.35 -3.24
N VAL A 33 -10.03 -20.04 -2.13
CA VAL A 33 -10.62 -20.26 -0.81
C VAL A 33 -10.88 -18.90 -0.16
N SER A 34 -12.08 -18.72 0.44
CA SER A 34 -12.45 -17.47 1.10
C SER A 34 -13.16 -17.71 2.44
N VAL A 35 -13.33 -16.61 3.18
CA VAL A 35 -14.10 -16.61 4.41
C VAL A 35 -15.09 -15.46 4.33
N PHE A 36 -16.37 -15.83 4.14
CA PHE A 36 -17.48 -14.91 3.94
C PHE A 36 -17.05 -13.75 3.03
N GLY A 37 -16.50 -14.12 1.86
CA GLY A 37 -16.25 -13.18 0.77
C GLY A 37 -14.91 -12.46 0.87
N ARG A 38 -13.98 -13.01 1.65
CA ARG A 38 -12.62 -12.48 1.68
C ARG A 38 -11.65 -13.56 1.26
N LEU A 39 -10.79 -13.27 0.28
CA LEU A 39 -9.93 -14.31 -0.28
C LEU A 39 -8.79 -14.56 0.68
N LEU A 40 -8.17 -15.73 0.56
CA LEU A 40 -6.96 -16.05 1.31
C LEU A 40 -5.91 -16.54 0.34
N VAL A 41 -5.99 -16.07 -0.91
CA VAL A 41 -5.03 -16.47 -1.93
C VAL A 41 -4.17 -15.27 -2.31
N ASN A 42 -2.87 -15.41 -2.08
CA ASN A 42 -1.92 -14.38 -2.48
C ASN A 42 -2.07 -13.20 -1.52
N VAL A 43 -2.34 -13.52 -0.25
CA VAL A 43 -2.38 -12.56 0.82
C VAL A 43 -1.39 -13.00 1.90
N SER A 44 -1.01 -12.04 2.73
CA SER A 44 -0.07 -12.21 3.83
C SER A 44 -0.70 -13.16 4.86
N ASP A 45 0.10 -13.62 5.82
CA ASP A 45 -0.41 -14.33 6.98
C ASP A 45 -1.26 -13.38 7.83
N ILE A 46 -0.91 -12.08 7.80
CA ILE A 46 -1.64 -11.11 8.59
C ILE A 46 -3.07 -10.93 8.09
N ASP A 47 -3.31 -10.90 6.76
CA ASP A 47 -4.66 -10.80 6.24
C ASP A 47 -5.51 -12.05 6.56
N ILE A 48 -4.85 -13.20 6.72
CA ILE A 48 -5.60 -14.40 7.02
C ILE A 48 -6.12 -14.27 8.45
N ILE A 49 -5.33 -13.64 9.32
CA ILE A 49 -5.73 -13.34 10.69
C ILE A 49 -6.87 -12.32 10.68
N LYS A 50 -6.66 -11.16 10.02
CA LYS A 50 -7.69 -10.13 9.85
C LYS A 50 -8.98 -10.76 9.31
N SER A 51 -8.81 -11.69 8.38
CA SER A 51 -9.90 -12.13 7.54
C SER A 51 -10.74 -13.23 8.21
N HIS A 52 -10.19 -13.93 9.21
CA HIS A 52 -10.99 -14.84 10.01
C HIS A 52 -11.62 -14.07 11.18
N ARG A 53 -11.01 -12.93 11.51
CA ARG A 53 -11.45 -12.06 12.60
C ARG A 53 -12.77 -11.39 12.23
N TYR A 54 -12.89 -10.92 10.97
CA TYR A 54 -14.08 -10.19 10.56
C TYR A 54 -15.24 -11.15 10.27
N ALA A 55 -15.11 -12.43 10.69
CA ALA A 55 -16.19 -13.41 10.63
C ALA A 55 -17.06 -13.38 11.90
N ARG A 56 -16.76 -12.49 12.86
CA ARG A 56 -17.61 -12.25 14.02
C ARG A 56 -18.72 -11.27 13.66
N HIS A 57 -18.55 -10.53 12.55
CA HIS A 57 -19.56 -9.61 12.05
C HIS A 57 -20.76 -10.37 11.51
N ILE A 58 -20.54 -11.64 11.16
CA ILE A 58 -21.42 -12.35 10.25
C ILE A 58 -22.22 -13.40 11.03
N ILE A 59 -21.56 -14.46 11.54
CA ILE A 59 -22.21 -15.41 12.42
C ILE A 59 -22.25 -14.86 13.85
N SER A 60 -21.07 -14.47 14.37
CA SER A 60 -20.92 -13.78 15.66
C SER A 60 -19.51 -14.01 16.23
N LEU A 63 -14.61 -16.68 14.62
CA LEU A 63 -14.33 -18.04 14.09
C LEU A 63 -12.88 -18.41 14.33
N PRO A 64 -12.61 -19.49 15.10
CA PRO A 64 -11.26 -20.06 15.21
C PRO A 64 -10.66 -20.42 13.85
N LEU A 65 -9.33 -20.34 13.79
CA LEU A 65 -8.59 -20.68 12.58
C LEU A 65 -8.62 -22.19 12.34
N GLU A 66 -8.69 -22.98 13.43
CA GLU A 66 -8.64 -24.44 13.35
C GLU A 66 -9.82 -24.98 12.54
N SER A 67 -11.01 -24.39 12.71
CA SER A 67 -12.18 -24.79 11.94
C SER A 67 -11.84 -24.71 10.44
N SER A 68 -11.05 -23.72 10.06
CA SER A 68 -10.61 -23.61 8.68
C SER A 68 -9.55 -24.66 8.38
N LEU A 69 -8.55 -24.77 9.26
CA LEU A 69 -7.41 -25.66 9.07
C LEU A 69 -7.85 -27.13 9.12
N ASP A 70 -8.92 -27.40 9.89
CA ASP A 70 -9.50 -28.73 9.90
C ASP A 70 -10.16 -28.96 8.53
N ILE A 71 -10.98 -28.00 8.06
CA ILE A 71 -11.61 -28.07 6.74
C ILE A 71 -10.59 -28.35 5.64
N LEU A 72 -9.51 -27.54 5.60
CA LEU A 72 -8.56 -27.55 4.50
C LEU A 72 -7.98 -28.94 4.25
N ARG A 73 -7.59 -29.65 5.33
CA ARG A 73 -6.89 -30.93 5.21
C ARG A 73 -7.80 -32.00 4.62
N GLU A 74 -9.12 -31.74 4.59
CA GLU A 74 -10.05 -32.62 3.89
C GLU A 74 -10.03 -32.35 2.39
N LEU A 75 -9.61 -31.13 1.97
CA LEU A 75 -9.78 -30.72 0.59
C LEU A 75 -8.54 -31.02 -0.25
N VAL A 76 -7.41 -31.35 0.39
CA VAL A 76 -6.22 -31.76 -0.35
C VAL A 76 -6.42 -33.15 -0.98
N ASP A 77 -7.29 -33.97 -0.35
CA ASP A 77 -7.52 -35.35 -0.75
C ASP A 77 -8.71 -35.45 -1.72
N MET A 78 -9.74 -34.64 -1.46
CA MET A 78 -10.96 -34.61 -2.25
C MET A 78 -10.66 -34.18 -3.69
N ASN A 79 -10.98 -35.05 -4.66
CA ASN A 79 -10.67 -34.82 -6.08
C ASN A 79 -11.53 -33.67 -6.58
N LEU A 80 -11.08 -32.43 -6.32
CA LEU A 80 -11.90 -31.25 -6.50
C LEU A 80 -11.63 -30.61 -7.86
N GLY A 81 -12.63 -29.84 -8.29
CA GLY A 81 -12.70 -29.21 -9.60
C GLY A 81 -12.35 -27.72 -9.52
N THR A 82 -13.10 -26.87 -10.23
CA THR A 82 -12.89 -25.44 -10.20
C THR A 82 -14.02 -24.79 -9.41
N ALA A 83 -13.66 -24.08 -8.33
CA ALA A 83 -14.65 -23.50 -7.44
C ALA A 83 -14.06 -22.41 -6.57
N SER A 84 -14.95 -21.49 -6.17
CA SER A 84 -14.73 -20.56 -5.07
C SER A 84 -15.46 -21.07 -3.84
N ILE A 85 -14.80 -21.93 -3.07
CA ILE A 85 -15.31 -22.46 -1.82
C ILE A 85 -15.20 -21.40 -0.72
N ASP A 86 -16.21 -21.37 0.15
CA ASP A 86 -16.14 -20.55 1.34
C ASP A 86 -15.97 -21.46 2.56
N LEU A 87 -14.92 -21.18 3.35
CA LEU A 87 -14.65 -21.90 4.59
C LEU A 87 -15.67 -21.50 5.67
N GLY A 88 -16.17 -20.26 5.58
CA GLY A 88 -17.09 -19.72 6.56
C GLY A 88 -18.45 -20.39 6.49
N GLN A 89 -19.10 -20.32 5.32
CA GLN A 89 -20.38 -20.98 5.10
C GLN A 89 -20.30 -22.46 5.48
N LEU A 90 -19.12 -23.09 5.32
CA LEU A 90 -19.00 -24.52 5.50
C LEU A 90 -18.92 -24.90 6.98
N ALA A 91 -18.38 -24.01 7.83
CA ALA A 91 -18.23 -24.25 9.26
C ALA A 91 -19.53 -23.97 10.01
N TYR A 92 -20.21 -22.85 9.68
CA TYR A 92 -21.41 -22.43 10.40
C TYR A 92 -22.49 -23.50 10.33
N SER A 93 -22.79 -23.98 9.11
CA SER A 93 -23.78 -25.01 8.89
C SER A 93 -23.12 -26.39 8.93
N PHE A 94 -22.17 -26.56 9.85
CA PHE A 94 -21.70 -27.86 10.31
C PHE A 94 -22.01 -27.98 11.80
N GLU A 95 -21.62 -26.94 12.54
CA GLU A 95 -21.98 -26.78 13.95
C GLU A 95 -23.51 -26.86 14.08
N GLU A 96 -24.23 -25.94 13.41
CA GLU A 96 -25.68 -25.92 13.45
C GLU A 96 -26.23 -26.99 12.49
N SER A 97 -25.78 -28.22 12.74
CA SER A 97 -26.16 -29.41 12.00
C SER A 97 -25.85 -30.64 12.86
N GLU A 98 -26.07 -31.82 12.26
CA GLU A 98 -25.97 -33.10 12.95
C GLU A 98 -24.52 -33.59 12.89
N SER A 99 -23.63 -32.79 12.30
CA SER A 99 -22.21 -32.82 12.63
C SER A 99 -21.56 -34.14 12.19
N THR A 100 -20.46 -34.54 12.88
CA THR A 100 -19.52 -35.54 12.38
C THR A 100 -20.24 -36.67 11.65
N ASP A 101 -19.67 -37.16 10.54
CA ASP A 101 -18.29 -36.91 10.13
C ASP A 101 -18.12 -35.53 9.52
N LEU A 102 -16.88 -35.03 9.53
CA LEU A 102 -16.52 -33.83 8.79
C LEU A 102 -16.44 -34.18 7.30
N ARG A 103 -15.63 -35.20 6.97
CA ARG A 103 -15.44 -35.67 5.60
C ARG A 103 -16.77 -35.87 4.89
N ALA A 104 -17.74 -36.46 5.60
CA ALA A 104 -19.06 -36.73 5.05
C ALA A 104 -19.79 -35.44 4.71
N PHE A 105 -19.69 -34.42 5.60
CA PHE A 105 -20.39 -33.16 5.36
C PHE A 105 -19.81 -32.46 4.15
N LEU A 106 -18.48 -32.40 4.08
CA LEU A 106 -17.79 -31.69 3.02
C LEU A 106 -17.88 -32.46 1.70
N GLU A 107 -18.48 -33.67 1.72
CA GLU A 107 -18.76 -34.40 0.49
C GLU A 107 -20.26 -34.49 0.26
N ASP A 108 -20.98 -33.43 0.66
CA ASP A 108 -22.41 -33.34 0.40
C ASP A 108 -22.83 -31.88 0.31
N ALA A 109 -22.18 -31.01 1.09
CA ALA A 109 -22.24 -29.58 0.85
C ALA A 109 -21.47 -29.25 -0.43
N LEU A 110 -20.52 -30.14 -0.81
CA LEU A 110 -19.65 -29.96 -1.96
C LEU A 110 -19.69 -31.19 -2.89
N ALA A 111 -20.90 -31.68 -3.19
CA ALA A 111 -21.09 -32.68 -4.22
C ALA A 111 -20.91 -32.04 -5.61
N PRO A 112 -21.50 -30.87 -5.90
CA PRO A 112 -21.52 -30.34 -7.27
C PRO A 112 -20.14 -30.33 -7.95
N VAL A 113 -19.09 -30.17 -7.14
CA VAL A 113 -17.76 -29.90 -7.64
C VAL A 113 -16.94 -31.18 -7.64
N ILE A 114 -16.96 -31.93 -6.53
CA ILE A 114 -16.06 -33.06 -6.32
C ILE A 114 -15.97 -33.88 -7.62
N GLY A 115 -14.84 -33.73 -8.33
CA GLY A 115 -14.63 -34.32 -9.65
C GLY A 115 -15.41 -33.59 -10.74
N ALA A 116 -14.84 -32.52 -11.29
CA ALA A 116 -15.53 -31.69 -12.27
C ALA A 116 -14.51 -31.06 -13.22
N GLU A 117 -15.02 -30.21 -14.13
CA GLU A 117 -14.19 -29.38 -15.00
C GLU A 117 -13.35 -28.45 -14.12
N THR A 118 -12.01 -28.62 -14.17
CA THR A 118 -11.09 -27.75 -13.46
C THR A 118 -10.62 -26.61 -14.37
N ASP A 119 -11.00 -26.63 -15.65
CA ASP A 119 -10.59 -25.59 -16.59
C ASP A 119 -11.76 -25.18 -17.49
N ILE A 120 -12.14 -23.91 -17.36
CA ILE A 120 -13.01 -23.23 -18.32
C ILE A 120 -12.14 -22.54 -19.36
N ASN A 121 -12.75 -22.21 -20.49
CA ASN A 121 -12.05 -21.50 -21.54
C ASN A 121 -12.07 -20.02 -21.18
N PRO A 122 -10.93 -19.32 -21.21
CA PRO A 122 -10.92 -17.92 -20.81
C PRO A 122 -11.55 -17.10 -21.92
N THR A 123 -11.81 -15.81 -21.69
CA THR A 123 -12.26 -14.97 -22.79
C THR A 123 -11.36 -13.75 -22.88
N ASP A 124 -10.98 -13.43 -24.11
CA ASP A 124 -10.06 -12.38 -24.48
C ASP A 124 -10.72 -11.03 -24.20
N ILE A 125 -10.03 -10.15 -23.44
CA ILE A 125 -10.48 -8.79 -23.19
C ILE A 125 -9.51 -7.84 -23.88
N VAL A 126 -10.10 -6.87 -24.60
CA VAL A 126 -9.39 -5.71 -25.11
C VAL A 126 -9.83 -4.47 -24.33
N LEU A 127 -8.85 -3.64 -23.93
CA LEU A 127 -9.11 -2.35 -23.30
C LEU A 127 -8.93 -1.27 -24.35
N TYR A 128 -10.02 -0.67 -24.85
CA TYR A 128 -9.94 0.44 -25.78
C TYR A 128 -9.81 1.78 -25.02
N GLY A 129 -8.64 2.41 -25.12
CA GLY A 129 -8.22 3.45 -24.19
C GLY A 129 -7.38 2.83 -23.07
N PHE A 130 -6.64 3.70 -22.35
CA PHE A 130 -5.75 3.30 -21.29
C PHE A 130 -5.46 4.46 -20.32
N GLY A 131 -6.51 5.19 -19.91
CA GLY A 131 -6.44 6.22 -18.89
C GLY A 131 -6.83 5.75 -17.48
N ARG A 132 -7.42 6.67 -16.71
CA ARG A 132 -7.59 6.41 -15.30
C ARG A 132 -8.44 5.16 -15.04
N ILE A 133 -9.52 4.98 -15.80
CA ILE A 133 -10.33 3.77 -15.67
C ILE A 133 -9.61 2.56 -16.30
N GLY A 134 -9.10 2.70 -17.51
CA GLY A 134 -8.50 1.60 -18.25
C GLY A 134 -7.35 0.91 -17.51
N ARG A 135 -6.50 1.69 -16.81
CA ARG A 135 -5.31 1.14 -16.19
C ARG A 135 -5.70 0.38 -14.93
N LEU A 136 -6.74 0.83 -14.23
CA LEU A 136 -7.23 0.05 -13.10
C LEU A 136 -7.98 -1.18 -13.61
N LEU A 137 -8.65 -1.09 -14.77
CA LEU A 137 -9.23 -2.31 -15.28
C LEU A 137 -8.10 -3.32 -15.53
N ALA A 138 -6.95 -2.82 -16.01
CA ALA A 138 -5.82 -3.69 -16.29
C ALA A 138 -5.33 -4.33 -14.99
N ARG A 139 -5.17 -3.57 -13.91
CA ARG A 139 -4.61 -4.10 -12.69
C ARG A 139 -5.49 -5.25 -12.17
N ILE A 140 -6.82 -5.13 -12.31
CA ILE A 140 -7.80 -6.09 -11.81
C ILE A 140 -7.80 -7.33 -12.71
N LEU A 141 -7.78 -7.09 -14.03
CA LEU A 141 -7.80 -8.18 -14.96
C LEU A 141 -6.58 -9.05 -14.73
N VAL A 142 -5.45 -8.47 -14.29
CA VAL A 142 -4.19 -9.21 -14.22
C VAL A 142 -4.18 -10.12 -12.98
N SER A 143 -4.58 -9.55 -11.85
CA SER A 143 -4.55 -10.26 -10.59
C SER A 143 -5.74 -11.21 -10.48
N ARG A 144 -6.82 -10.96 -11.23
CA ARG A 144 -7.89 -11.96 -11.31
C ARG A 144 -7.53 -13.06 -12.30
N GLU A 145 -6.60 -12.81 -13.22
CA GLU A 145 -6.14 -13.89 -14.08
C GLU A 145 -5.35 -14.90 -13.25
N ALA A 146 -4.54 -14.43 -12.30
CA ALA A 146 -3.79 -15.30 -11.42
C ALA A 146 -4.73 -16.12 -10.53
N LEU A 147 -5.88 -15.55 -10.14
CA LEU A 147 -6.77 -16.17 -9.18
C LEU A 147 -7.67 -17.20 -9.86
N TYR A 148 -8.34 -16.79 -10.96
CA TYR A 148 -9.43 -17.50 -11.61
C TYR A 148 -9.11 -17.92 -13.05
N ASP A 149 -8.40 -17.05 -13.78
CA ASP A 149 -8.02 -17.30 -15.16
C ASP A 149 -9.27 -17.50 -16.01
N GLY A 150 -10.21 -16.54 -15.91
CA GLY A 150 -11.42 -16.55 -16.70
C GLY A 150 -11.40 -15.51 -17.81
N ALA A 151 -11.21 -14.25 -17.41
CA ALA A 151 -11.02 -13.15 -18.34
C ALA A 151 -9.55 -12.76 -18.37
N ARG A 152 -8.99 -12.68 -19.59
CA ARG A 152 -7.59 -12.39 -19.80
C ARG A 152 -7.49 -11.09 -20.59
N LEU A 153 -6.73 -10.15 -20.05
CA LEU A 153 -6.47 -8.92 -20.75
C LEU A 153 -5.46 -9.26 -21.82
N ARG A 154 -5.78 -8.87 -23.07
CA ARG A 154 -5.01 -9.29 -24.23
C ARG A 154 -4.32 -8.11 -24.88
N ALA A 155 -4.89 -6.91 -24.75
CA ALA A 155 -4.52 -5.79 -25.58
C ALA A 155 -5.16 -4.48 -25.07
N ILE A 156 -4.40 -3.38 -25.25
CA ILE A 156 -4.92 -2.05 -25.19
C ILE A 156 -4.81 -1.46 -26.58
N VAL A 157 -5.72 -0.52 -26.91
CA VAL A 157 -5.63 0.26 -28.14
C VAL A 157 -5.46 1.74 -27.82
N VAL A 158 -4.40 2.35 -28.39
CA VAL A 158 -4.15 3.76 -28.18
C VAL A 158 -3.78 4.47 -29.47
N ARG A 159 -3.77 5.79 -29.47
CA ARG A 159 -3.32 6.50 -30.66
C ARG A 159 -1.80 6.63 -30.62
N LYS A 160 -1.14 6.51 -31.80
CA LYS A 160 0.29 6.78 -31.96
C LYS A 160 0.59 8.24 -31.62
N ASN A 161 1.48 8.47 -30.65
CA ASN A 161 1.97 9.81 -30.36
C ASN A 161 3.41 9.94 -30.85
N GLY A 162 4.36 9.45 -30.04
CA GLY A 162 5.78 9.56 -30.34
C GLY A 162 6.31 8.22 -30.83
N GLU A 163 7.52 7.89 -30.39
CA GLU A 163 8.06 6.57 -30.62
C GLU A 163 8.53 6.02 -29.28
N GLU A 164 8.24 6.76 -28.21
CA GLU A 164 8.52 6.34 -26.85
C GLU A 164 7.20 6.07 -26.11
N ASP A 165 6.10 6.07 -26.86
CA ASP A 165 4.78 5.72 -26.34
C ASP A 165 4.81 4.51 -25.40
N LEU A 166 5.30 3.40 -25.91
CA LEU A 166 5.13 2.11 -25.26
C LEU A 166 5.66 2.14 -23.84
N VAL A 167 6.78 2.80 -23.67
CA VAL A 167 7.45 2.83 -22.37
C VAL A 167 6.77 3.85 -21.45
N LYS A 168 6.09 4.84 -22.02
CA LYS A 168 5.42 5.85 -21.20
C LYS A 168 4.17 5.24 -20.62
N ARG A 169 3.52 4.38 -21.44
CA ARG A 169 2.28 3.71 -21.10
C ARG A 169 2.55 2.56 -20.14
N ALA A 170 3.74 1.98 -20.22
CA ALA A 170 4.13 0.95 -19.26
C ALA A 170 4.34 1.64 -17.92
N SER A 171 4.97 2.79 -17.93
CA SER A 171 5.20 3.53 -16.69
C SER A 171 3.87 3.86 -16.02
N LEU A 172 2.90 4.33 -16.81
CA LEU A 172 1.60 4.72 -16.31
C LEU A 172 0.90 3.55 -15.59
N LEU A 173 1.11 2.32 -16.04
CA LEU A 173 0.56 1.16 -15.36
C LEU A 173 1.42 0.77 -14.15
N ARG A 174 2.72 1.07 -14.16
CA ARG A 174 3.60 0.64 -13.08
C ARG A 174 3.48 1.56 -11.86
N ARG A 175 3.20 2.85 -12.06
CA ARG A 175 3.16 3.80 -10.96
C ARG A 175 1.87 4.61 -10.99
N ASP A 176 1.45 5.11 -9.83
CA ASP A 176 0.27 5.96 -9.81
C ASP A 176 0.24 6.86 -8.58
N SER A 177 0.05 8.14 -8.79
CA SER A 177 0.14 9.03 -7.64
C SER A 177 -0.86 8.66 -6.54
N VAL A 178 -2.05 8.16 -6.88
CA VAL A 178 -3.13 7.83 -5.94
C VAL A 178 -3.13 6.34 -5.55
N HIS A 179 -3.02 5.47 -6.55
CA HIS A 179 -3.20 4.05 -6.33
C HIS A 179 -1.89 3.33 -5.98
N GLY A 180 -0.76 4.04 -5.99
CA GLY A 180 0.55 3.42 -5.72
C GLY A 180 0.93 2.38 -6.78
N GLY A 181 1.91 1.53 -6.44
CA GLY A 181 2.60 0.73 -7.44
C GLY A 181 1.79 -0.50 -7.85
N PHE A 182 1.98 -0.92 -9.11
CA PHE A 182 1.45 -2.20 -9.55
C PHE A 182 1.95 -3.36 -8.67
N ASP A 183 1.06 -4.27 -8.33
CA ASP A 183 1.54 -5.42 -7.57
C ASP A 183 2.03 -6.50 -8.54
N GLY A 184 3.36 -6.46 -8.75
CA GLY A 184 4.04 -7.30 -9.72
C GLY A 184 5.18 -6.57 -10.42
N THR A 185 5.62 -7.14 -11.53
CA THR A 185 6.60 -6.51 -12.41
C THR A 185 5.97 -6.15 -13.74
N ILE A 186 6.31 -4.97 -14.27
CA ILE A 186 5.91 -4.56 -15.61
C ILE A 186 7.18 -4.53 -16.46
N THR A 187 7.27 -5.33 -17.53
CA THR A 187 8.42 -5.22 -18.44
C THR A 187 7.96 -4.85 -19.85
N THR A 188 8.79 -4.12 -20.57
CA THR A 188 8.46 -3.68 -21.92
C THR A 188 9.32 -4.45 -22.95
N ASP A 189 8.68 -5.02 -23.97
CA ASP A 189 9.35 -5.62 -25.11
C ASP A 189 9.05 -4.76 -26.35
N TYR A 190 10.02 -3.91 -26.74
CA TYR A 190 9.82 -2.91 -27.79
C TYR A 190 9.62 -3.58 -29.15
N ASP A 191 10.34 -4.68 -29.42
CA ASP A 191 10.27 -5.30 -30.74
C ASP A 191 8.83 -5.75 -31.04
N ASN A 192 8.13 -6.28 -30.04
CA ASN A 192 6.81 -6.83 -30.29
C ASN A 192 5.71 -5.92 -29.77
N ASN A 193 6.07 -4.75 -29.19
CA ASN A 193 5.11 -3.78 -28.73
C ASN A 193 4.24 -4.43 -27.68
N ILE A 194 4.86 -5.02 -26.63
CA ILE A 194 4.14 -5.75 -25.62
C ILE A 194 4.50 -5.23 -24.25
N ILE A 195 3.52 -4.93 -23.39
CA ILE A 195 3.76 -4.67 -21.98
C ILE A 195 3.52 -5.99 -21.26
N TRP A 196 4.54 -6.54 -20.59
CA TRP A 196 4.36 -7.68 -19.70
C TRP A 196 3.95 -7.19 -18.33
N ALA A 197 2.87 -7.79 -17.83
CA ALA A 197 2.41 -7.45 -16.51
C ALA A 197 2.25 -8.75 -15.74
N ASN A 198 3.19 -9.06 -14.83
CA ASN A 198 3.34 -10.41 -14.30
C ASN A 198 3.32 -11.42 -15.46
N GLY A 199 2.55 -12.53 -15.38
CA GLY A 199 2.51 -13.48 -16.49
C GLY A 199 1.68 -13.03 -17.71
N THR A 200 1.20 -11.79 -17.73
CA THR A 200 0.24 -11.42 -18.76
C THR A 200 0.90 -10.61 -19.88
N PRO A 201 0.94 -11.13 -21.11
CA PRO A 201 1.40 -10.32 -22.24
C PRO A 201 0.31 -9.42 -22.83
N ILE A 202 0.49 -8.11 -22.69
CA ILE A 202 -0.51 -7.20 -23.20
C ILE A 202 0.00 -6.53 -24.48
N LYS A 203 -0.64 -6.85 -25.62
CA LYS A 203 -0.27 -6.21 -26.87
C LYS A 203 -0.69 -4.74 -26.83
N VAL A 204 0.20 -3.87 -27.30
CA VAL A 204 -0.23 -2.50 -27.56
C VAL A 204 -0.58 -2.37 -29.03
N ILE A 205 -1.80 -1.91 -29.33
CA ILE A 205 -2.30 -1.71 -30.68
C ILE A 205 -2.63 -0.23 -30.87
N TYR A 206 -2.15 0.30 -32.00
CA TYR A 206 -2.21 1.73 -32.29
C TYR A 206 -3.22 1.94 -33.40
N SER A 207 -4.26 2.75 -33.13
CA SER A 207 -5.30 2.96 -34.12
C SER A 207 -6.04 4.28 -33.89
N ASN A 208 -6.31 4.94 -35.02
CA ASN A 208 -7.13 6.14 -35.06
C ASN A 208 -8.59 5.78 -35.32
N ASP A 209 -8.88 4.53 -35.68
CA ASP A 209 -10.23 4.17 -36.10
C ASP A 209 -10.64 2.86 -35.43
N PRO A 210 -11.59 2.87 -34.48
CA PRO A 210 -11.96 1.64 -33.79
C PRO A 210 -12.58 0.58 -34.71
N ALA A 211 -12.88 0.97 -35.95
CA ALA A 211 -13.62 0.12 -36.86
C ALA A 211 -12.71 -0.69 -37.78
N THR A 212 -11.37 -0.48 -37.76
CA THR A 212 -10.50 -0.95 -38.82
C THR A 212 -9.30 -1.70 -38.27
N ILE A 213 -9.57 -2.55 -37.26
CA ILE A 213 -8.57 -3.38 -36.60
C ILE A 213 -8.96 -4.84 -36.79
N ASP A 214 -8.10 -5.62 -37.40
CA ASP A 214 -8.23 -7.04 -37.31
C ASP A 214 -7.54 -7.48 -36.02
N TYR A 215 -8.30 -7.69 -34.95
CA TYR A 215 -7.74 -8.17 -33.70
C TYR A 215 -7.16 -9.58 -33.82
N THR A 216 -7.57 -10.35 -34.83
CA THR A 216 -7.13 -11.72 -34.96
C THR A 216 -5.66 -11.77 -35.39
N GLU A 217 -5.16 -10.74 -36.09
CA GLU A 217 -3.73 -10.55 -36.31
C GLU A 217 -2.92 -10.84 -35.05
N TYR A 218 -3.40 -10.30 -33.92
CA TYR A 218 -2.68 -10.36 -32.66
C TYR A 218 -3.16 -11.54 -31.81
N GLY A 219 -3.84 -12.52 -32.38
CA GLY A 219 -4.22 -13.72 -31.63
C GLY A 219 -5.46 -13.57 -30.74
N ILE A 220 -6.33 -12.63 -31.09
CA ILE A 220 -7.44 -12.24 -30.24
C ILE A 220 -8.69 -12.54 -31.03
N ASN A 221 -9.71 -13.10 -30.38
CA ASN A 221 -10.95 -13.38 -31.07
C ASN A 221 -12.08 -13.45 -30.05
N ASP A 222 -13.29 -13.10 -30.51
CA ASP A 222 -14.51 -13.15 -29.71
C ASP A 222 -14.30 -12.32 -28.45
N ALA A 223 -13.65 -11.17 -28.60
CA ALA A 223 -13.24 -10.36 -27.47
C ALA A 223 -14.38 -9.47 -27.04
N VAL A 224 -14.37 -9.18 -25.76
CA VAL A 224 -15.11 -8.05 -25.21
C VAL A 224 -14.21 -6.83 -25.23
N VAL A 225 -14.67 -5.77 -25.88
CA VAL A 225 -13.96 -4.51 -25.77
C VAL A 225 -14.52 -3.67 -24.63
N VAL A 226 -13.65 -3.22 -23.73
CA VAL A 226 -14.05 -2.28 -22.70
C VAL A 226 -13.57 -0.91 -23.16
N ASP A 227 -14.51 -0.14 -23.73
CA ASP A 227 -14.22 1.16 -24.29
C ASP A 227 -14.25 2.13 -23.11
N ASN A 228 -13.06 2.61 -22.75
CA ASN A 228 -12.94 3.47 -21.61
C ASN A 228 -12.44 4.81 -22.14
N THR A 229 -12.71 5.08 -23.42
CA THR A 229 -12.33 6.33 -24.06
C THR A 229 -13.25 7.44 -23.58
N GLY A 230 -14.55 7.17 -23.52
CA GLY A 230 -15.51 8.24 -23.33
C GLY A 230 -15.90 8.91 -24.65
N ARG A 231 -15.21 8.58 -25.74
CA ARG A 231 -15.45 9.28 -26.98
C ARG A 231 -16.87 9.07 -27.49
N TRP A 232 -17.36 7.81 -27.49
CA TRP A 232 -18.58 7.39 -28.17
C TRP A 232 -19.53 6.83 -27.14
N ARG A 233 -20.66 7.51 -26.93
CA ARG A 233 -21.59 7.15 -25.85
C ARG A 233 -22.94 6.66 -26.39
N ASP A 234 -23.08 6.60 -27.72
CA ASP A 234 -24.31 6.15 -28.32
C ASP A 234 -24.06 4.85 -29.09
N ARG A 235 -25.15 4.25 -29.58
CA ARG A 235 -25.11 2.95 -30.23
C ARG A 235 -24.32 3.08 -31.52
N GLU A 236 -24.53 4.17 -32.25
CA GLU A 236 -23.91 4.26 -33.55
C GLU A 236 -22.40 4.19 -33.35
N GLY A 237 -21.88 5.11 -32.54
CA GLY A 237 -20.45 5.21 -32.26
C GLY A 237 -19.84 3.88 -31.77
N LEU A 238 -20.45 3.25 -30.76
CA LEU A 238 -19.88 2.05 -30.18
C LEU A 238 -20.00 0.86 -31.14
N SER A 239 -20.85 0.95 -32.16
CA SER A 239 -20.97 -0.11 -33.15
C SER A 239 -19.74 -0.14 -34.05
N GLN A 240 -18.94 0.92 -34.00
CA GLN A 240 -17.73 0.89 -34.78
C GLN A 240 -16.91 -0.36 -34.42
N HIS A 241 -16.82 -0.67 -33.11
CA HIS A 241 -15.98 -1.73 -32.59
C HIS A 241 -16.39 -3.09 -33.16
N LEU A 242 -17.70 -3.26 -33.39
CA LEU A 242 -18.21 -4.54 -33.87
C LEU A 242 -17.74 -4.78 -35.30
N LYS A 243 -17.53 -3.70 -36.07
CA LYS A 243 -17.04 -3.84 -37.42
C LYS A 243 -15.64 -4.42 -37.45
N SER A 244 -14.90 -4.31 -36.36
CA SER A 244 -13.56 -4.87 -36.27
C SER A 244 -13.64 -6.37 -36.05
N LYS A 245 -12.87 -7.08 -36.89
CA LYS A 245 -12.81 -8.52 -36.80
C LYS A 245 -12.20 -8.93 -35.45
N GLY A 246 -12.88 -9.84 -34.75
CA GLY A 246 -12.41 -10.37 -33.50
C GLY A 246 -13.27 -9.91 -32.31
N VAL A 247 -14.17 -8.95 -32.58
CA VAL A 247 -14.92 -8.34 -31.51
C VAL A 247 -16.26 -9.02 -31.45
N ALA A 248 -16.69 -9.37 -30.23
CA ALA A 248 -17.99 -9.98 -30.00
C ALA A 248 -18.91 -8.99 -29.29
N LYS A 249 -18.38 -8.27 -28.29
CA LYS A 249 -19.21 -7.47 -27.43
C LYS A 249 -18.46 -6.21 -26.99
N VAL A 250 -19.20 -5.18 -26.61
CA VAL A 250 -18.64 -3.89 -26.26
C VAL A 250 -19.23 -3.47 -24.93
N VAL A 251 -18.37 -3.00 -24.02
CA VAL A 251 -18.78 -2.54 -22.71
C VAL A 251 -18.27 -1.11 -22.57
N LEU A 252 -19.17 -0.17 -22.32
CA LEU A 252 -18.80 1.23 -22.23
C LEU A 252 -18.72 1.62 -20.77
N THR A 253 -17.64 2.30 -20.37
CA THR A 253 -17.44 2.60 -18.96
C THR A 253 -18.01 3.99 -18.60
N ALA A 254 -19.32 4.14 -18.66
CA ALA A 254 -19.98 5.40 -18.84
C ALA A 254 -21.47 5.15 -19.06
N PRO A 255 -22.34 6.15 -18.79
CA PRO A 255 -23.74 6.10 -19.18
C PRO A 255 -23.93 6.06 -20.69
N GLY A 256 -24.57 5.02 -21.21
CA GLY A 256 -24.86 4.93 -22.63
C GLY A 256 -26.12 5.72 -22.96
N LYS A 257 -26.07 6.48 -24.06
CA LYS A 257 -27.22 7.23 -24.56
C LYS A 257 -28.27 6.34 -25.23
N GLY A 258 -29.47 6.93 -25.38
CA GLY A 258 -30.55 6.35 -26.13
C GLY A 258 -31.01 5.03 -25.52
N ASP A 259 -30.93 3.99 -26.34
CA ASP A 259 -31.57 2.72 -26.09
C ASP A 259 -30.58 1.70 -25.50
N LEU A 260 -29.38 2.12 -25.16
CA LEU A 260 -28.35 1.24 -24.64
C LEU A 260 -28.65 0.90 -23.20
N LYS A 261 -28.67 -0.37 -22.85
CA LYS A 261 -28.87 -0.76 -21.48
C LYS A 261 -27.78 -0.16 -20.60
N ASN A 262 -28.19 0.48 -19.49
CA ASN A 262 -27.25 0.94 -18.50
C ASN A 262 -27.25 -0.05 -17.35
N ILE A 263 -26.09 -0.64 -17.05
CA ILE A 263 -26.07 -1.77 -16.13
C ILE A 263 -25.44 -1.38 -14.81
N VAL A 264 -26.19 -1.56 -13.74
CA VAL A 264 -25.65 -1.43 -12.41
C VAL A 264 -25.53 -2.84 -11.84
N TYR A 265 -24.30 -3.30 -11.62
CA TYR A 265 -24.15 -4.70 -11.28
C TYR A 265 -24.60 -4.86 -9.83
N GLY A 266 -25.36 -5.96 -9.61
CA GLY A 266 -25.99 -6.33 -8.34
C GLY A 266 -27.49 -6.05 -8.36
N ILE A 267 -27.91 -5.27 -9.37
CA ILE A 267 -29.20 -4.63 -9.41
C ILE A 267 -29.91 -5.05 -10.69
N ASN A 268 -29.26 -4.95 -11.84
CA ASN A 268 -30.00 -5.23 -13.05
C ASN A 268 -29.13 -5.91 -14.11
N HIS A 269 -28.08 -6.63 -13.70
CA HIS A 269 -27.18 -7.26 -14.65
C HIS A 269 -27.84 -8.45 -15.36
N THR A 270 -28.89 -8.98 -14.75
CA THR A 270 -29.72 -10.03 -15.31
C THR A 270 -30.52 -9.51 -16.49
N ASP A 271 -30.56 -8.20 -16.73
CA ASP A 271 -31.23 -7.65 -17.89
C ASP A 271 -30.34 -7.85 -19.11
N ILE A 272 -29.10 -8.31 -18.90
CA ILE A 272 -28.21 -8.57 -20.04
C ILE A 272 -28.61 -9.90 -20.64
N THR A 273 -28.85 -9.91 -21.95
CA THR A 273 -29.11 -11.15 -22.68
C THR A 273 -27.96 -11.50 -23.64
N ALA A 274 -27.99 -12.75 -24.13
CA ALA A 274 -27.01 -13.29 -25.06
C ALA A 274 -26.99 -12.56 -26.39
N ASP A 275 -28.04 -11.83 -26.73
CA ASP A 275 -28.05 -11.08 -27.99
C ASP A 275 -27.70 -9.61 -27.74
N ASP A 276 -27.50 -9.22 -26.46
CA ASP A 276 -27.03 -7.87 -26.16
C ASP A 276 -25.56 -7.78 -26.57
N GLN A 277 -25.28 -6.93 -27.55
CA GLN A 277 -23.92 -6.76 -28.04
C GLN A 277 -23.25 -5.56 -27.39
N ILE A 278 -24.01 -4.55 -26.99
CA ILE A 278 -23.39 -3.34 -26.48
C ILE A 278 -24.05 -2.95 -25.17
N VAL A 279 -23.24 -2.77 -24.17
CA VAL A 279 -23.75 -2.57 -22.83
C VAL A 279 -23.01 -1.36 -22.25
N SER A 280 -23.62 -0.73 -21.26
CA SER A 280 -23.10 0.47 -20.60
C SER A 280 -23.08 0.20 -19.10
N ALA A 281 -22.15 0.82 -18.38
CA ALA A 281 -21.96 0.52 -16.96
C ALA A 281 -22.37 1.71 -16.10
N ALA A 282 -22.92 2.74 -16.72
CA ALA A 282 -23.42 3.89 -15.99
C ALA A 282 -22.25 4.68 -15.38
N SER A 283 -22.55 5.72 -14.57
CA SER A 283 -21.51 6.49 -13.91
C SER A 283 -21.16 5.90 -12.53
N CYS A 284 -20.05 6.42 -11.96
CA CYS A 284 -19.60 6.11 -10.63
C CYS A 284 -20.71 6.39 -9.62
N THR A 285 -21.34 7.57 -9.77
CA THR A 285 -22.35 8.06 -8.82
C THR A 285 -23.53 7.10 -8.90
N THR A 286 -23.94 6.71 -10.09
CA THR A 286 -25.07 5.82 -10.22
C THR A 286 -24.80 4.47 -9.56
N ASN A 287 -23.60 3.93 -9.76
CA ASN A 287 -23.24 2.65 -9.17
C ASN A 287 -23.20 2.75 -7.65
N ALA A 288 -22.78 3.89 -7.11
CA ALA A 288 -22.58 4.07 -5.68
C ALA A 288 -23.89 4.14 -4.89
N ILE A 289 -24.92 4.78 -5.45
CA ILE A 289 -26.11 5.08 -4.67
C ILE A 289 -27.33 4.24 -5.03
N THR A 290 -27.47 3.80 -6.30
CA THR A 290 -28.59 2.98 -6.73
C THR A 290 -28.80 1.82 -5.76
N PRO A 291 -27.80 1.02 -5.38
CA PRO A 291 -28.06 -0.08 -4.44
C PRO A 291 -28.68 0.37 -3.11
N VAL A 292 -28.07 1.37 -2.48
CA VAL A 292 -28.49 1.93 -1.19
C VAL A 292 -29.93 2.43 -1.28
N LEU A 293 -30.26 3.21 -2.32
CA LEU A 293 -31.59 3.76 -2.48
C LEU A 293 -32.65 2.67 -2.62
N LYS A 294 -32.32 1.59 -3.35
CA LYS A 294 -33.28 0.54 -3.62
C LYS A 294 -33.59 -0.21 -2.31
N VAL A 295 -32.53 -0.59 -1.59
CA VAL A 295 -32.63 -1.23 -0.28
C VAL A 295 -33.39 -0.32 0.70
N ILE A 296 -33.17 1.00 0.67
CA ILE A 296 -33.84 1.87 1.60
C ILE A 296 -35.27 1.98 1.09
N ASN A 297 -35.45 1.93 -0.23
CA ASN A 297 -36.78 2.16 -0.76
C ASN A 297 -37.69 0.95 -0.51
N ASP A 298 -37.14 -0.26 -0.54
CA ASP A 298 -37.91 -1.49 -0.37
C ASP A 298 -38.36 -1.65 1.08
N ARG A 299 -37.64 -1.08 2.04
CA ARG A 299 -37.76 -1.46 3.43
C ARG A 299 -38.56 -0.40 4.17
N TYR A 300 -38.12 0.85 4.12
CA TYR A 300 -38.97 2.00 4.44
C TYR A 300 -39.48 2.40 3.07
N GLY A 301 -40.20 3.50 2.89
CA GLY A 301 -40.42 3.89 1.49
C GLY A 301 -39.79 5.23 1.16
N VAL A 302 -39.41 5.45 -0.11
CA VAL A 302 -38.90 6.77 -0.46
C VAL A 302 -40.02 7.60 -1.09
N GLU A 303 -40.39 8.69 -0.40
CA GLU A 303 -41.37 9.64 -0.89
C GLU A 303 -40.63 10.66 -1.77
N PHE A 304 -39.49 11.13 -1.24
CA PHE A 304 -38.61 12.07 -1.93
C PHE A 304 -37.15 11.87 -1.49
N GLY A 305 -36.26 12.19 -2.44
CA GLY A 305 -34.83 11.99 -2.31
C GLY A 305 -34.04 13.05 -3.08
N HIS A 306 -33.05 13.64 -2.37
CA HIS A 306 -32.08 14.53 -2.96
C HIS A 306 -30.69 13.92 -2.76
N VAL A 307 -29.90 13.95 -3.87
CA VAL A 307 -28.49 13.60 -3.90
C VAL A 307 -27.61 14.84 -4.12
N GLU A 308 -26.68 15.07 -3.20
CA GLU A 308 -25.57 15.96 -3.47
C GLU A 308 -24.35 15.07 -3.56
N THR A 309 -23.67 15.11 -4.68
CA THR A 309 -22.44 14.36 -4.75
C THR A 309 -21.31 15.36 -4.60
N VAL A 310 -20.47 15.14 -3.58
CA VAL A 310 -19.21 15.86 -3.39
C VAL A 310 -18.11 14.98 -3.97
N HIS A 311 -17.51 15.47 -5.08
CA HIS A 311 -16.85 14.61 -6.06
C HIS A 311 -15.43 15.07 -6.38
N SER A 312 -14.50 14.10 -6.50
CA SER A 312 -13.13 14.39 -6.91
C SER A 312 -13.12 14.93 -8.34
N PHE A 313 -12.05 15.64 -8.69
CA PHE A 313 -11.94 16.10 -10.06
C PHE A 313 -11.52 14.93 -10.96
N THR A 314 -11.60 15.13 -12.28
CA THR A 314 -11.28 14.11 -13.23
C THR A 314 -10.39 14.73 -14.30
N ASN A 315 -9.75 13.92 -15.17
CA ASN A 315 -8.55 14.38 -15.85
C ASN A 315 -8.90 15.22 -17.07
N ASP A 316 -10.20 15.32 -17.37
CA ASP A 316 -10.67 16.09 -18.51
C ASP A 316 -10.66 17.58 -18.17
N GLN A 317 -10.61 17.87 -16.86
CA GLN A 317 -10.68 19.22 -16.35
C GLN A 317 -9.30 19.87 -16.45
N ASN A 318 -9.17 21.02 -15.81
CA ASN A 318 -8.11 21.95 -16.07
C ASN A 318 -7.47 22.26 -14.73
N LEU A 319 -6.13 22.10 -14.69
CA LEU A 319 -5.28 22.65 -13.63
C LEU A 319 -5.54 24.14 -13.42
N ILE A 320 -5.72 24.89 -14.51
CA ILE A 320 -5.84 26.31 -14.41
C ILE A 320 -6.79 26.73 -15.50
N ASP A 321 -7.65 27.70 -15.14
CA ASP A 321 -8.85 28.08 -15.89
C ASP A 321 -8.58 28.11 -17.38
N ASN A 322 -9.47 27.47 -18.14
CA ASN A 322 -9.36 27.42 -19.59
C ASN A 322 -10.68 26.87 -20.15
N PHE A 323 -10.70 26.68 -21.46
CA PHE A 323 -11.91 26.22 -22.15
C PHE A 323 -12.21 24.79 -21.75
N HIS A 324 -13.50 24.42 -21.78
CA HIS A 324 -13.98 23.06 -21.54
C HIS A 324 -15.39 22.95 -22.14
N LYS A 325 -16.05 21.78 -22.09
CA LYS A 325 -17.44 21.64 -22.52
C LYS A 325 -18.36 22.54 -21.71
N GLY A 326 -18.28 22.44 -20.36
CA GLY A 326 -19.04 23.28 -19.45
C GLY A 326 -18.23 24.49 -18.95
N SER A 327 -18.92 25.61 -18.72
CA SER A 327 -18.25 26.81 -18.23
C SER A 327 -17.59 26.56 -16.88
N ARG A 328 -18.31 25.96 -15.93
CA ARG A 328 -17.79 25.84 -14.58
C ARG A 328 -16.74 24.73 -14.46
N ARG A 329 -16.91 23.65 -15.22
CA ARG A 329 -16.05 22.48 -15.22
C ARG A 329 -14.65 22.80 -15.72
N GLY A 330 -14.48 23.84 -16.53
CA GLY A 330 -13.15 24.21 -17.00
C GLY A 330 -12.34 25.18 -16.13
N ARG A 331 -12.88 25.61 -14.99
CA ARG A 331 -12.15 26.50 -14.11
C ARG A 331 -11.23 25.66 -13.20
N ALA A 332 -10.16 26.28 -12.68
CA ALA A 332 -9.05 25.60 -12.00
C ALA A 332 -9.59 24.59 -11.00
N ALA A 333 -9.48 23.30 -11.34
CA ALA A 333 -10.11 22.22 -10.60
C ALA A 333 -9.53 22.09 -9.20
N GLY A 334 -8.26 22.46 -9.05
CA GLY A 334 -7.58 22.30 -7.79
C GLY A 334 -7.69 23.53 -6.89
N LEU A 335 -8.36 24.60 -7.37
CA LEU A 335 -8.44 25.84 -6.60
C LEU A 335 -9.88 26.16 -6.22
N ASN A 336 -10.86 25.39 -6.71
CA ASN A 336 -12.27 25.71 -6.58
C ASN A 336 -13.10 24.51 -6.12
N MET A 337 -14.13 24.86 -5.30
CA MET A 337 -15.42 24.24 -5.12
C MET A 337 -16.31 24.66 -6.29
N VAL A 338 -16.93 23.70 -6.96
CA VAL A 338 -17.63 23.96 -8.19
C VAL A 338 -18.98 23.24 -8.20
N LEU A 339 -20.04 24.03 -8.05
CA LEU A 339 -21.41 23.57 -8.16
C LEU A 339 -21.74 23.34 -9.64
N THR A 340 -22.20 22.12 -9.93
CA THR A 340 -22.36 21.68 -11.30
C THR A 340 -23.54 20.70 -11.34
N GLU A 341 -23.92 20.33 -12.57
CA GLU A 341 -25.06 19.49 -12.90
C GLU A 341 -24.65 18.03 -12.75
N THR A 342 -25.54 17.18 -12.21
CA THR A 342 -25.35 15.73 -12.20
C THR A 342 -26.48 15.08 -13.00
N GLY A 343 -26.20 13.97 -13.70
CA GLY A 343 -27.24 13.16 -14.32
C GLY A 343 -27.80 12.08 -13.38
N ALA A 344 -27.30 12.00 -12.12
CA ALA A 344 -27.50 10.85 -11.25
C ALA A 344 -28.97 10.55 -10.99
N ALA A 345 -29.72 11.56 -10.54
CA ALA A 345 -31.14 11.43 -10.28
C ALA A 345 -31.88 10.79 -11.46
N LYS A 346 -31.68 11.31 -12.68
CA LYS A 346 -32.32 10.74 -13.84
C LYS A 346 -31.81 9.31 -14.09
N ALA A 347 -30.49 9.08 -13.98
CA ALA A 347 -29.90 7.75 -14.14
C ALA A 347 -30.33 6.81 -13.02
N VAL A 348 -30.52 7.29 -11.81
CA VAL A 348 -30.96 6.38 -10.76
C VAL A 348 -32.34 5.87 -11.15
N SER A 349 -33.19 6.75 -11.69
CA SER A 349 -34.58 6.47 -12.04
C SER A 349 -34.71 5.56 -13.25
N LYS A 350 -33.72 5.55 -14.13
CA LYS A 350 -33.71 4.57 -15.19
C LYS A 350 -33.70 3.17 -14.54
N ALA A 351 -32.77 2.96 -13.62
CA ALA A 351 -32.52 1.63 -13.06
C ALA A 351 -33.56 1.25 -12.00
N LEU A 352 -34.09 2.24 -11.28
CA LEU A 352 -35.17 2.07 -10.31
C LEU A 352 -36.36 2.91 -10.79
N PRO A 353 -37.20 2.38 -11.73
CA PRO A 353 -38.27 3.19 -12.32
C PRO A 353 -39.40 3.50 -11.34
N GLU A 354 -39.41 2.77 -10.22
CA GLU A 354 -40.28 3.02 -9.09
C GLU A 354 -39.93 4.34 -8.38
N LEU A 355 -38.80 4.98 -8.73
CA LEU A 355 -38.36 6.20 -8.07
C LEU A 355 -38.41 7.34 -9.05
N GLU A 356 -38.96 7.07 -10.24
CA GLU A 356 -39.11 8.05 -11.31
C GLU A 356 -39.96 9.24 -10.86
N GLY A 357 -39.38 10.43 -10.79
CA GLY A 357 -40.12 11.63 -10.41
C GLY A 357 -40.07 11.92 -8.91
N LYS A 358 -39.35 11.09 -8.15
CA LYS A 358 -39.15 11.24 -6.71
C LYS A 358 -37.72 11.70 -6.36
N LEU A 359 -36.85 11.91 -7.36
CA LEU A 359 -35.44 12.18 -7.10
C LEU A 359 -34.97 13.46 -7.79
N THR A 360 -34.04 14.13 -7.10
CA THR A 360 -33.31 15.32 -7.52
C THR A 360 -31.86 15.23 -7.03
N GLY A 361 -31.02 16.14 -7.53
CA GLY A 361 -29.65 16.22 -7.06
C GLY A 361 -28.81 17.27 -7.81
N ASN A 362 -27.62 17.52 -7.23
CA ASN A 362 -26.56 18.32 -7.82
C ASN A 362 -25.23 17.66 -7.44
N ALA A 363 -24.17 18.14 -8.11
CA ALA A 363 -22.80 17.76 -7.81
C ALA A 363 -22.00 19.00 -7.46
N ILE A 364 -21.08 18.86 -6.50
CA ILE A 364 -20.06 19.85 -6.18
C ILE A 364 -18.72 19.15 -6.37
N ARG A 365 -17.86 19.71 -7.23
CA ARG A 365 -16.51 19.19 -7.43
C ARG A 365 -15.53 19.95 -6.55
N VAL A 366 -14.60 19.19 -5.94
CA VAL A 366 -13.67 19.72 -4.97
C VAL A 366 -12.26 19.24 -5.31
N PRO A 367 -11.25 19.96 -4.79
CA PRO A 367 -9.85 19.65 -5.11
C PRO A 367 -9.33 18.35 -4.46
N THR A 368 -9.95 17.23 -4.76
CA THR A 368 -9.35 15.96 -4.41
C THR A 368 -9.18 15.19 -5.71
N PRO A 369 -8.22 14.27 -5.77
CA PRO A 369 -7.95 13.51 -7.01
C PRO A 369 -8.69 12.21 -7.17
N ASP A 370 -9.18 11.65 -6.07
CA ASP A 370 -10.05 10.48 -6.15
C ASP A 370 -10.88 10.38 -4.88
N VAL A 371 -11.94 9.58 -4.97
CA VAL A 371 -12.88 9.30 -3.90
C VAL A 371 -13.90 10.43 -3.84
N SER A 372 -15.17 10.01 -3.87
CA SER A 372 -16.29 10.90 -3.72
C SER A 372 -17.24 10.44 -2.59
N MET A 373 -18.19 11.33 -2.30
CA MET A 373 -19.15 11.22 -1.23
C MET A 373 -20.54 11.59 -1.80
N ALA A 374 -21.51 10.66 -1.74
CA ALA A 374 -22.89 10.99 -2.01
C ALA A 374 -23.65 11.18 -0.69
N VAL A 375 -24.26 12.36 -0.53
CA VAL A 375 -25.11 12.69 0.61
C VAL A 375 -26.55 12.52 0.15
N LEU A 376 -27.29 11.61 0.83
CA LEU A 376 -28.65 11.26 0.42
C LEU A 376 -29.64 11.82 1.45
N ASN A 377 -30.41 12.86 1.09
CA ASN A 377 -31.48 13.40 1.95
C ASN A 377 -32.81 12.76 1.56
N LEU A 378 -33.31 11.84 2.40
CA LEU A 378 -34.48 11.03 2.05
C LEU A 378 -35.61 11.31 3.03
N THR A 379 -36.75 11.80 2.50
CA THR A 379 -38.06 11.68 3.11
C THR A 379 -38.65 10.29 2.81
N LEU A 380 -38.96 9.57 3.88
CA LEU A 380 -39.41 8.20 3.86
C LEU A 380 -40.91 8.12 4.16
N ASN A 381 -41.50 6.94 3.91
CA ASN A 381 -42.93 6.75 4.06
C ASN A 381 -43.25 6.10 5.40
N THR A 382 -42.44 6.41 6.42
CA THR A 382 -42.30 5.59 7.61
C THR A 382 -41.33 6.25 8.58
N GLU A 383 -41.51 6.04 9.89
CA GLU A 383 -40.60 6.66 10.85
C GLU A 383 -39.42 5.72 11.12
N VAL A 384 -38.21 6.30 11.25
CA VAL A 384 -37.00 5.52 11.44
C VAL A 384 -36.17 6.15 12.55
N ASP A 385 -35.35 5.32 13.22
CA ASP A 385 -34.37 5.80 14.16
C ASP A 385 -32.99 5.38 13.66
N ARG A 386 -31.99 6.21 13.98
CA ARG A 386 -30.64 6.10 13.47
C ARG A 386 -30.08 4.70 13.70
N ASP A 387 -30.20 4.15 14.93
CA ASP A 387 -29.59 2.87 15.27
C ASP A 387 -30.27 1.74 14.48
N GLU A 388 -31.55 1.87 14.13
CA GLU A 388 -32.25 0.81 13.42
C GLU A 388 -31.88 0.79 11.93
N VAL A 389 -31.74 1.97 11.32
CA VAL A 389 -31.36 2.04 9.91
C VAL A 389 -29.94 1.51 9.71
N ASN A 390 -29.05 1.96 10.59
CA ASN A 390 -27.67 1.46 10.62
C ASN A 390 -27.70 -0.07 10.63
N GLU A 391 -28.32 -0.69 11.64
CA GLU A 391 -28.30 -2.15 11.76
C GLU A 391 -28.89 -2.82 10.51
N PHE A 392 -29.89 -2.18 9.88
CA PHE A 392 -30.44 -2.71 8.65
C PHE A 392 -29.39 -2.76 7.54
N LEU A 393 -28.70 -1.63 7.33
CA LEU A 393 -27.71 -1.54 6.25
C LEU A 393 -26.52 -2.44 6.56
N ARG A 394 -26.12 -2.51 7.82
CA ARG A 394 -25.09 -3.43 8.26
C ARG A 394 -25.47 -4.86 7.89
N ARG A 395 -26.72 -5.26 8.18
CA ARG A 395 -27.17 -6.60 7.81
C ARG A 395 -27.14 -6.74 6.28
N VAL A 396 -27.69 -5.74 5.56
CA VAL A 396 -27.75 -5.78 4.10
C VAL A 396 -26.36 -5.98 3.54
N SER A 397 -25.38 -5.31 4.15
CA SER A 397 -24.02 -5.30 3.60
C SER A 397 -23.28 -6.60 3.91
N LEU A 398 -23.72 -7.35 4.92
CA LEU A 398 -23.05 -8.59 5.28
C LEU A 398 -23.76 -9.78 4.66
N HIS A 399 -25.10 -9.75 4.62
CA HIS A 399 -25.82 -10.98 4.34
C HIS A 399 -26.51 -10.96 2.97
N SER A 400 -26.79 -9.76 2.42
CA SER A 400 -27.76 -9.63 1.35
C SER A 400 -27.19 -10.06 0.00
N ASP A 401 -27.94 -9.85 -1.09
CA ASP A 401 -27.42 -10.22 -2.39
C ASP A 401 -26.64 -9.05 -2.99
N LEU A 402 -26.44 -8.00 -2.18
CA LEU A 402 -25.75 -6.78 -2.59
C LEU A 402 -24.54 -6.54 -1.71
N ARG A 403 -24.07 -7.58 -1.01
CA ARG A 403 -22.85 -7.57 -0.21
C ARG A 403 -21.70 -6.85 -0.90
N GLN A 404 -21.42 -7.23 -2.15
CA GLN A 404 -20.27 -6.74 -2.89
C GLN A 404 -20.43 -5.27 -3.25
N GLN A 405 -21.68 -4.78 -3.35
CA GLN A 405 -21.97 -3.43 -3.78
C GLN A 405 -22.04 -2.45 -2.60
N ILE A 406 -22.43 -2.94 -1.42
CA ILE A 406 -22.77 -2.12 -0.28
C ILE A 406 -21.86 -2.58 0.84
N ASP A 407 -21.18 -1.61 1.46
CA ASP A 407 -20.50 -1.83 2.70
C ASP A 407 -21.05 -0.80 3.68
N TRP A 408 -20.84 -1.12 4.94
CA TRP A 408 -21.31 -0.29 6.01
C TRP A 408 -20.19 -0.31 7.02
N ILE A 409 -19.91 0.84 7.64
CA ILE A 409 -18.80 0.97 8.55
C ILE A 409 -19.17 1.92 9.67
N ARG A 410 -18.52 1.65 10.81
CA ARG A 410 -18.73 2.30 12.08
C ARG A 410 -17.45 3.02 12.47
N SER A 411 -16.42 2.91 11.62
CA SER A 411 -15.08 3.30 12.03
C SER A 411 -14.97 4.81 12.17
N PRO A 412 -14.31 5.28 13.25
CA PRO A 412 -14.13 6.72 13.47
C PRO A 412 -12.95 7.32 12.67
N GLU A 413 -13.05 8.63 12.42
CA GLU A 413 -11.94 9.40 11.90
C GLU A 413 -11.73 9.19 10.41
N VAL A 414 -12.60 8.40 9.75
CA VAL A 414 -12.37 8.03 8.35
C VAL A 414 -12.71 9.20 7.42
N VAL A 415 -11.85 9.34 6.39
CA VAL A 415 -11.88 10.45 5.47
C VAL A 415 -11.51 9.88 4.10
N SER A 416 -11.61 10.70 3.06
CA SER A 416 -11.79 10.22 1.70
C SER A 416 -10.59 9.40 1.22
N THR A 417 -9.38 9.78 1.64
CA THR A 417 -8.18 9.08 1.23
C THR A 417 -8.22 7.66 1.78
N ASP A 418 -8.90 7.39 2.90
CA ASP A 418 -8.85 6.03 3.41
C ASP A 418 -9.62 5.09 2.48
N PHE A 419 -10.46 5.63 1.55
CA PHE A 419 -11.26 4.76 0.69
C PHE A 419 -10.62 4.49 -0.67
N VAL A 420 -9.38 4.91 -0.92
CA VAL A 420 -8.71 4.58 -2.16
C VAL A 420 -8.48 3.08 -2.19
N GLY A 421 -8.91 2.40 -3.24
CA GLY A 421 -8.59 0.98 -3.37
C GLY A 421 -9.75 0.06 -2.93
N THR A 422 -10.79 0.65 -2.33
CA THR A 422 -11.94 -0.12 -1.90
C THR A 422 -12.68 -0.75 -3.08
N THR A 423 -13.15 -1.97 -2.83
CA THR A 423 -13.72 -2.86 -3.83
C THR A 423 -15.23 -2.69 -3.95
N HIS A 424 -15.84 -2.01 -2.96
CA HIS A 424 -17.30 -1.91 -2.92
C HIS A 424 -17.75 -0.72 -3.77
N ALA A 425 -18.98 -0.75 -4.27
CA ALA A 425 -19.43 0.31 -5.13
C ALA A 425 -19.80 1.55 -4.31
N GLY A 426 -19.96 1.38 -2.99
CA GLY A 426 -20.46 2.44 -2.12
C GLY A 426 -20.39 1.96 -0.69
N ILE A 427 -19.97 2.84 0.24
CA ILE A 427 -19.71 2.49 1.62
C ILE A 427 -20.42 3.50 2.52
N VAL A 428 -21.32 3.00 3.38
CA VAL A 428 -22.16 3.83 4.22
C VAL A 428 -21.40 4.13 5.50
N ASP A 429 -21.18 5.42 5.73
CA ASP A 429 -20.50 5.86 6.92
C ASP A 429 -21.51 5.81 8.07
N GLY A 430 -21.38 4.81 8.96
CA GLY A 430 -22.38 4.61 10.01
C GLY A 430 -22.48 5.79 10.98
N LEU A 431 -21.32 6.31 11.40
CA LEU A 431 -21.28 7.38 12.38
C LEU A 431 -22.03 8.61 11.88
N ALA A 432 -22.10 8.81 10.55
CA ALA A 432 -22.65 10.05 10.04
C ALA A 432 -24.15 9.93 9.84
N THR A 433 -24.74 8.73 9.96
CA THR A 433 -26.16 8.65 9.62
C THR A 433 -26.99 9.53 10.55
N ILE A 434 -27.94 10.28 9.95
CA ILE A 434 -28.91 11.10 10.67
C ILE A 434 -30.31 10.61 10.35
N ALA A 435 -31.13 10.42 11.39
CA ALA A 435 -32.49 9.92 11.26
C ALA A 435 -33.40 10.55 12.31
N THR A 436 -34.45 11.23 11.85
CA THR A 436 -35.44 11.80 12.74
C THR A 436 -36.78 11.84 12.01
N GLY A 437 -37.75 11.08 12.54
CA GLY A 437 -39.05 11.01 11.92
C GLY A 437 -39.00 10.24 10.62
N ARG A 438 -39.56 10.84 9.56
CA ARG A 438 -39.52 10.30 8.22
C ARG A 438 -38.26 10.77 7.48
N HIS A 439 -37.33 11.44 8.17
CA HIS A 439 -36.17 12.08 7.56
C HIS A 439 -34.90 11.30 7.86
N LEU A 440 -34.12 11.06 6.80
CA LEU A 440 -32.95 10.22 6.83
C LEU A 440 -31.84 10.89 6.01
N VAL A 441 -30.65 10.90 6.58
CA VAL A 441 -29.47 11.39 5.88
C VAL A 441 -28.40 10.30 5.91
N LEU A 442 -28.02 9.86 4.72
CA LEU A 442 -27.04 8.82 4.54
C LEU A 442 -25.86 9.42 3.79
N TYR A 443 -24.68 8.98 4.22
CA TYR A 443 -23.45 9.40 3.59
C TYR A 443 -22.80 8.17 2.96
N VAL A 444 -22.63 8.19 1.64
CA VAL A 444 -22.08 7.05 0.90
C VAL A 444 -20.81 7.50 0.17
N TRP A 445 -19.66 7.01 0.67
CA TRP A 445 -18.35 7.08 0.03
C TRP A 445 -18.26 6.15 -1.18
N TYR A 446 -17.43 6.57 -2.14
CA TYR A 446 -17.05 5.70 -3.23
C TYR A 446 -15.73 6.12 -3.89
N ASP A 447 -14.89 5.11 -4.16
CA ASP A 447 -13.73 5.25 -5.01
C ASP A 447 -14.20 5.28 -6.45
N ASN A 448 -14.53 6.49 -6.91
CA ASN A 448 -15.05 6.68 -8.25
C ASN A 448 -14.18 6.05 -9.33
N GLU A 449 -12.88 5.81 -9.09
CA GLU A 449 -12.01 5.18 -10.07
C GLU A 449 -12.02 3.66 -9.90
N PHE A 450 -11.59 3.16 -8.73
CA PHE A 450 -11.35 1.74 -8.50
C PHE A 450 -12.62 0.97 -8.14
N GLY A 451 -13.46 1.56 -7.28
CA GLY A 451 -14.74 0.94 -6.97
C GLY A 451 -15.57 0.68 -8.23
N TYR A 452 -15.72 1.74 -9.04
CA TYR A 452 -16.47 1.68 -10.28
C TYR A 452 -15.86 0.67 -11.23
N SER A 453 -14.54 0.66 -11.32
CA SER A 453 -13.85 -0.28 -12.19
C SER A 453 -14.12 -1.73 -11.77
N ASN A 454 -14.31 -2.01 -10.48
CA ASN A 454 -14.66 -3.36 -10.06
C ASN A 454 -16.05 -3.74 -10.58
N GLN A 455 -17.03 -2.83 -10.46
CA GLN A 455 -18.33 -3.03 -11.12
C GLN A 455 -18.19 -3.24 -12.63
N VAL A 456 -17.26 -2.56 -13.30
CA VAL A 456 -17.11 -2.81 -14.72
C VAL A 456 -16.63 -4.24 -14.94
N ILE A 457 -15.70 -4.68 -14.09
CA ILE A 457 -15.10 -6.00 -14.21
C ILE A 457 -16.15 -7.10 -13.97
N ARG A 458 -17.15 -6.82 -13.12
CA ARG A 458 -18.24 -7.78 -12.88
C ARG A 458 -19.15 -7.89 -14.11
N ILE A 459 -19.49 -6.77 -14.75
CA ILE A 459 -20.26 -6.84 -15.98
C ILE A 459 -19.47 -7.66 -17.00
N VAL A 460 -18.14 -7.51 -17.02
CA VAL A 460 -17.38 -8.06 -18.13
C VAL A 460 -17.40 -9.57 -17.98
N GLU A 461 -17.01 -10.03 -16.79
CA GLU A 461 -17.09 -11.41 -16.35
C GLU A 461 -18.50 -11.98 -16.56
N GLU A 462 -19.57 -11.22 -16.23
CA GLU A 462 -20.93 -11.68 -16.49
C GLU A 462 -21.19 -11.89 -17.98
N ILE A 463 -20.87 -10.91 -18.85
CA ILE A 463 -21.11 -11.00 -20.29
C ILE A 463 -20.37 -12.22 -20.88
N ALA A 464 -19.20 -12.50 -20.32
CA ALA A 464 -18.26 -13.48 -20.82
C ALA A 464 -18.58 -14.87 -20.29
N GLY A 465 -19.35 -14.93 -19.20
CA GLY A 465 -19.78 -16.17 -18.64
C GLY A 465 -18.80 -16.77 -17.64
N VAL A 466 -18.04 -15.93 -16.93
CA VAL A 466 -16.97 -16.46 -16.09
C VAL A 466 -17.08 -15.87 -14.69
N ARG A 467 -18.29 -15.46 -14.28
CA ARG A 467 -18.38 -15.08 -12.87
C ARG A 467 -17.96 -16.29 -12.04
N PRO A 468 -16.96 -16.17 -11.14
CA PRO A 468 -16.60 -17.30 -10.29
C PRO A 468 -17.86 -17.81 -9.60
N ARG A 469 -17.98 -19.12 -9.41
CA ARG A 469 -19.16 -19.68 -8.77
C ARG A 469 -18.80 -20.07 -7.35
N VAL A 470 -19.57 -19.51 -6.40
CA VAL A 470 -19.22 -19.51 -4.99
C VAL A 470 -20.11 -20.51 -4.25
N TYR A 471 -19.49 -21.52 -3.63
CA TYR A 471 -20.21 -22.67 -3.09
C TYR A 471 -19.97 -22.85 -1.59
N PRO A 472 -20.98 -23.34 -0.82
CA PRO A 472 -22.36 -23.55 -1.29
C PRO A 472 -23.36 -22.52 -0.75
N ASN B 4 10.81 -10.09 -21.03
CA ASN B 4 9.55 -10.91 -21.11
C ASN B 4 9.36 -11.65 -19.78
N HIS B 5 8.17 -12.23 -19.59
CA HIS B 5 7.81 -12.94 -18.37
C HIS B 5 7.06 -14.23 -18.72
N LYS B 6 7.42 -14.86 -19.85
CA LYS B 6 6.74 -16.08 -20.27
C LYS B 6 6.99 -17.21 -19.27
N ASP B 7 7.97 -17.01 -18.38
CA ASP B 7 8.31 -17.99 -17.36
C ASP B 7 7.71 -17.62 -16.00
N TRP B 8 6.72 -16.72 -15.94
CA TRP B 8 6.28 -16.16 -14.65
C TRP B 8 5.81 -17.25 -13.68
N ASN B 9 5.05 -18.22 -14.18
CA ASN B 9 4.30 -19.09 -13.27
C ASN B 9 5.24 -20.08 -12.56
N ASP B 10 6.33 -20.44 -13.24
CA ASP B 10 7.37 -21.27 -12.65
C ASP B 10 8.04 -20.50 -11.52
N ARG B 11 8.36 -19.22 -11.78
CA ARG B 11 8.94 -18.34 -10.77
C ARG B 11 8.05 -18.33 -9.54
N ILE B 12 6.73 -18.16 -9.69
CA ILE B 12 5.83 -18.22 -8.54
C ILE B 12 5.98 -19.57 -7.83
N ALA B 13 6.04 -20.64 -8.63
CA ALA B 13 5.97 -22.02 -8.15
C ALA B 13 7.19 -22.35 -7.29
N VAL B 14 8.37 -21.90 -7.69
CA VAL B 14 9.56 -22.10 -6.89
C VAL B 14 9.44 -21.28 -5.62
N ALA B 15 8.92 -20.05 -5.69
CA ALA B 15 8.86 -19.24 -4.50
C ALA B 15 7.89 -19.85 -3.48
N GLU B 16 6.86 -20.58 -3.96
CA GLU B 16 5.91 -21.22 -3.06
C GLU B 16 6.60 -22.35 -2.29
N GLU B 17 7.59 -22.97 -2.93
CA GLU B 17 8.39 -24.00 -2.28
C GLU B 17 9.28 -23.35 -1.22
N MET B 18 9.69 -22.11 -1.48
CA MET B 18 10.60 -21.37 -0.60
C MET B 18 9.89 -20.98 0.71
N VAL B 19 8.61 -20.60 0.67
CA VAL B 19 7.95 -19.95 1.80
C VAL B 19 8.03 -20.83 3.07
N PRO B 20 7.62 -22.12 3.04
CA PRO B 20 7.71 -22.96 4.24
C PRO B 20 9.10 -22.95 4.89
N LEU B 21 10.13 -23.04 4.05
CA LEU B 21 11.50 -23.10 4.52
C LEU B 21 11.86 -21.78 5.19
N ILE B 22 11.50 -20.66 4.52
CA ILE B 22 11.80 -19.33 5.03
C ILE B 22 11.21 -19.18 6.43
N GLY B 23 9.98 -19.70 6.59
CA GLY B 23 9.19 -19.51 7.79
C GLY B 23 9.58 -20.46 8.91
N ARG B 24 10.12 -21.63 8.57
CA ARG B 24 10.64 -22.54 9.58
C ARG B 24 11.86 -21.91 10.27
N LEU B 25 12.80 -21.38 9.49
CA LEU B 25 14.01 -20.79 10.01
C LEU B 25 13.66 -19.60 10.89
N HIS B 26 12.54 -18.95 10.57
CA HIS B 26 12.05 -17.79 11.31
C HIS B 26 11.55 -18.28 12.66
N ARG B 27 10.56 -19.18 12.67
CA ARG B 27 9.87 -19.49 13.91
C ARG B 27 10.70 -20.42 14.80
N ASN B 28 11.56 -21.27 14.23
CA ASN B 28 12.26 -22.28 15.00
C ASN B 28 13.64 -21.76 15.39
N ASN B 29 14.34 -21.10 14.45
CA ASN B 29 15.73 -20.72 14.62
C ASN B 29 15.92 -19.20 14.76
N ASN B 30 14.81 -18.43 14.75
CA ASN B 30 14.87 -16.97 14.66
C ASN B 30 15.92 -16.55 13.63
N VAL B 31 15.71 -16.98 12.39
CA VAL B 31 16.58 -16.62 11.29
C VAL B 31 15.77 -15.92 10.18
N VAL B 32 16.12 -14.65 9.96
CA VAL B 32 15.54 -13.84 8.91
C VAL B 32 16.38 -13.99 7.65
N VAL B 33 15.75 -14.47 6.59
CA VAL B 33 16.44 -14.70 5.34
C VAL B 33 16.29 -13.44 4.47
N SER B 34 17.39 -12.97 3.87
CA SER B 34 17.34 -11.83 2.96
C SER B 34 18.09 -12.15 1.66
N VAL B 35 17.83 -11.33 0.64
CA VAL B 35 18.53 -11.40 -0.64
C VAL B 35 19.13 -10.02 -0.94
N PHE B 36 20.45 -9.91 -0.74
CA PHE B 36 21.09 -8.62 -0.60
C PHE B 36 20.29 -7.86 0.45
N GLY B 37 19.78 -6.67 0.12
CA GLY B 37 19.17 -5.82 1.14
C GLY B 37 17.77 -6.27 1.58
N ARG B 38 17.15 -7.19 0.84
CA ARG B 38 15.70 -7.31 0.84
C ARG B 38 15.26 -8.60 1.52
N LEU B 39 14.29 -8.45 2.43
CA LEU B 39 13.81 -9.54 3.26
C LEU B 39 12.88 -10.47 2.48
N LEU B 40 12.89 -11.74 2.85
CA LEU B 40 11.96 -12.69 2.25
C LEU B 40 10.96 -13.18 3.30
N VAL B 41 10.82 -12.44 4.40
CA VAL B 41 10.10 -12.91 5.57
C VAL B 41 8.84 -12.07 5.77
N ASN B 42 7.68 -12.72 5.94
CA ASN B 42 6.41 -12.03 6.08
C ASN B 42 6.16 -11.19 4.83
N VAL B 43 5.98 -11.87 3.69
CA VAL B 43 6.09 -11.25 2.38
C VAL B 43 5.40 -12.12 1.34
N SER B 44 4.71 -11.49 0.38
CA SER B 44 3.93 -12.22 -0.61
C SER B 44 4.90 -12.92 -1.56
N ASP B 45 4.44 -13.96 -2.26
CA ASP B 45 5.31 -14.68 -3.20
C ASP B 45 5.84 -13.71 -4.25
N ILE B 46 5.00 -12.76 -4.70
CA ILE B 46 5.37 -11.87 -5.79
C ILE B 46 6.53 -10.98 -5.37
N ASP B 47 6.59 -10.63 -4.07
CA ASP B 47 7.67 -9.80 -3.54
C ASP B 47 9.01 -10.55 -3.62
N ILE B 48 8.94 -11.88 -3.50
CA ILE B 48 10.14 -12.70 -3.47
C ILE B 48 10.70 -12.73 -4.88
N ILE B 49 9.80 -12.83 -5.84
CA ILE B 49 10.17 -12.68 -7.24
C ILE B 49 10.83 -11.32 -7.42
N LYS B 50 10.10 -10.24 -7.13
CA LYS B 50 10.61 -8.90 -7.39
C LYS B 50 12.02 -8.71 -6.83
N SER B 51 12.25 -9.21 -5.61
CA SER B 51 13.52 -9.01 -4.92
C SER B 51 14.63 -9.85 -5.56
N HIS B 52 14.26 -10.93 -6.25
CA HIS B 52 15.24 -11.81 -6.88
C HIS B 52 15.67 -11.25 -8.23
N ARG B 53 14.76 -10.49 -8.86
CA ARG B 53 15.07 -9.72 -10.06
C ARG B 53 16.13 -8.68 -9.68
N TYR B 54 15.90 -7.98 -8.56
CA TYR B 54 16.71 -6.86 -8.10
C TYR B 54 18.20 -7.19 -8.03
N ALA B 55 18.55 -8.45 -7.84
CA ALA B 55 19.94 -8.83 -7.59
C ALA B 55 20.85 -8.61 -8.82
N ARG B 56 20.29 -8.43 -10.03
CA ARG B 56 21.09 -7.98 -11.16
C ARG B 56 21.81 -6.68 -10.79
N HIS B 57 21.04 -5.73 -10.24
CA HIS B 57 21.52 -4.38 -9.96
C HIS B 57 22.68 -4.36 -8.98
N ILE B 58 23.13 -5.52 -8.47
CA ILE B 58 24.40 -5.57 -7.76
C ILE B 58 25.33 -6.60 -8.38
N ILE B 59 24.80 -7.66 -9.01
CA ILE B 59 25.64 -8.78 -9.44
C ILE B 59 25.57 -8.90 -10.97
N SER B 60 26.09 -10.00 -11.51
CA SER B 60 25.93 -10.38 -12.91
C SER B 60 24.79 -11.39 -13.05
N LYS B 61 23.76 -11.07 -13.85
CA LYS B 61 22.47 -11.76 -13.88
C LYS B 61 21.71 -11.48 -12.59
N LEU B 63 19.89 -13.46 -10.73
CA LEU B 63 19.86 -14.46 -9.62
C LEU B 63 18.59 -15.30 -9.72
N PRO B 64 18.74 -16.63 -9.97
CA PRO B 64 17.59 -17.52 -10.07
C PRO B 64 17.13 -18.02 -8.70
N LEU B 65 15.82 -18.23 -8.58
CA LEU B 65 15.20 -18.67 -7.34
C LEU B 65 15.76 -20.01 -6.85
N GLU B 66 16.26 -20.85 -7.77
CA GLU B 66 16.64 -22.20 -7.39
C GLU B 66 17.84 -22.16 -6.44
N SER B 67 18.77 -21.22 -6.66
CA SER B 67 19.95 -21.15 -5.82
C SER B 67 19.53 -20.80 -4.38
N SER B 68 18.53 -19.90 -4.26
CA SER B 68 17.91 -19.59 -2.98
C SER B 68 17.22 -20.81 -2.41
N LEU B 69 16.47 -21.55 -3.26
CA LEU B 69 15.73 -22.72 -2.82
C LEU B 69 16.69 -23.77 -2.27
N ASP B 70 17.87 -23.87 -2.88
CA ASP B 70 18.80 -24.93 -2.52
C ASP B 70 19.59 -24.53 -1.27
N ILE B 71 19.91 -23.24 -1.08
CA ILE B 71 20.58 -22.83 0.15
C ILE B 71 19.60 -22.98 1.32
N LEU B 72 18.30 -22.68 1.08
CA LEU B 72 17.26 -22.82 2.10
C LEU B 72 17.02 -24.29 2.47
N ARG B 73 17.00 -25.17 1.45
CA ARG B 73 16.80 -26.60 1.66
C ARG B 73 17.92 -27.18 2.53
N GLU B 74 19.12 -26.59 2.49
CA GLU B 74 20.25 -27.06 3.29
C GLU B 74 20.43 -26.21 4.55
N LEU B 75 19.59 -25.18 4.76
CA LEU B 75 19.65 -24.40 5.99
C LEU B 75 18.64 -24.92 7.02
N VAL B 76 17.62 -25.66 6.59
CA VAL B 76 16.58 -26.12 7.50
C VAL B 76 17.13 -27.11 8.53
N ASP B 77 18.16 -27.89 8.20
CA ASP B 77 18.62 -28.93 9.11
C ASP B 77 19.97 -28.56 9.75
N MET B 78 20.66 -27.55 9.20
CA MET B 78 21.78 -26.94 9.91
C MET B 78 21.26 -26.26 11.17
N ASN B 79 21.57 -26.82 12.34
CA ASN B 79 21.00 -26.33 13.58
C ASN B 79 21.52 -24.91 13.86
N LEU B 80 20.80 -23.90 13.33
CA LEU B 80 21.22 -22.52 13.46
C LEU B 80 20.52 -21.84 14.65
N GLY B 81 21.23 -20.86 15.23
CA GLY B 81 20.66 -19.92 16.19
C GLY B 81 20.41 -18.58 15.51
N THR B 82 19.95 -17.57 16.27
CA THR B 82 19.42 -16.38 15.63
C THR B 82 20.53 -15.74 14.81
N ALA B 83 20.13 -15.17 13.67
CA ALA B 83 21.03 -14.46 12.77
C ALA B 83 20.25 -14.05 11.53
N SER B 84 20.74 -13.00 10.88
CA SER B 84 20.31 -12.60 9.55
C SER B 84 21.22 -13.24 8.50
N ILE B 85 20.63 -14.07 7.63
CA ILE B 85 21.36 -14.80 6.61
C ILE B 85 20.96 -14.29 5.23
N ASP B 86 21.92 -13.71 4.51
CA ASP B 86 21.70 -13.24 3.15
C ASP B 86 21.81 -14.41 2.19
N LEU B 87 20.67 -14.86 1.63
CA LEU B 87 20.67 -16.02 0.73
C LEU B 87 21.48 -15.77 -0.55
N GLY B 88 21.69 -14.49 -0.89
CA GLY B 88 22.30 -14.09 -2.16
C GLY B 88 23.83 -14.10 -2.10
N GLN B 89 24.40 -13.48 -1.07
CA GLN B 89 25.84 -13.51 -0.85
C GLN B 89 26.32 -14.96 -0.77
N LEU B 90 25.47 -15.83 -0.19
CA LEU B 90 25.80 -17.24 -0.08
C LEU B 90 25.77 -17.91 -1.45
N ALA B 91 25.00 -17.36 -2.40
CA ALA B 91 24.90 -17.93 -3.74
C ALA B 91 26.12 -17.53 -4.55
N TYR B 92 26.43 -16.23 -4.52
CA TYR B 92 27.53 -15.64 -5.29
C TYR B 92 28.86 -16.28 -4.91
N SER B 93 29.29 -16.10 -3.66
CA SER B 93 30.61 -16.53 -3.23
C SER B 93 30.62 -18.02 -2.85
N PHE B 94 29.61 -18.77 -3.29
CA PHE B 94 29.73 -20.22 -3.41
C PHE B 94 30.17 -20.58 -4.82
N GLU B 95 29.47 -20.01 -5.81
CA GLU B 95 29.77 -20.12 -7.22
C GLU B 95 31.19 -19.63 -7.51
N GLU B 96 31.71 -18.70 -6.69
CA GLU B 96 33.08 -18.21 -6.82
C GLU B 96 33.95 -18.78 -5.69
N SER B 97 33.81 -20.09 -5.43
CA SER B 97 34.66 -20.81 -4.47
C SER B 97 35.86 -21.42 -5.20
N GLU B 98 35.66 -22.41 -6.10
CA GLU B 98 34.36 -22.98 -6.48
C GLU B 98 34.45 -24.50 -6.36
N SER B 99 33.61 -25.08 -5.50
CA SER B 99 33.41 -26.52 -5.48
C SER B 99 32.23 -26.89 -4.57
N THR B 100 31.35 -27.74 -5.10
CA THR B 100 30.33 -28.42 -4.29
C THR B 100 31.10 -29.38 -3.37
N ASP B 101 30.47 -29.96 -2.35
CA ASP B 101 29.04 -29.87 -2.09
C ASP B 101 28.74 -28.54 -1.39
N LEU B 102 27.53 -28.06 -1.64
CA LEU B 102 27.03 -26.81 -1.10
C LEU B 102 27.15 -26.84 0.42
N ARG B 103 26.53 -27.87 1.01
CA ARG B 103 26.48 -28.04 2.46
C ARG B 103 27.79 -27.62 3.10
N ALA B 104 28.87 -28.23 2.61
CA ALA B 104 30.20 -28.01 3.16
C ALA B 104 30.52 -26.52 3.20
N PHE B 105 30.18 -25.80 2.13
CA PHE B 105 30.51 -24.39 2.05
C PHE B 105 29.76 -23.60 3.11
N LEU B 106 28.50 -23.96 3.36
CA LEU B 106 27.65 -23.21 4.29
C LEU B 106 28.14 -23.37 5.73
N GLU B 107 28.30 -24.63 6.17
CA GLU B 107 28.75 -24.94 7.53
C GLU B 107 30.02 -24.18 7.89
N ASP B 108 30.80 -23.82 6.86
CA ASP B 108 32.07 -23.14 7.04
C ASP B 108 31.82 -21.64 7.17
N ALA B 109 31.03 -21.06 6.24
CA ALA B 109 30.83 -19.61 6.12
C ALA B 109 29.75 -19.10 7.09
N LEU B 110 28.94 -20.04 7.63
CA LEU B 110 27.96 -19.81 8.69
C LEU B 110 28.39 -20.53 9.96
N ALA B 111 29.69 -20.44 10.28
CA ALA B 111 30.27 -21.17 11.41
C ALA B 111 29.80 -20.54 12.71
N PRO B 112 29.96 -19.20 12.91
CA PRO B 112 29.71 -18.60 14.22
C PRO B 112 28.28 -18.86 14.66
N VAL B 113 27.40 -19.08 13.68
CA VAL B 113 25.96 -19.16 13.90
C VAL B 113 25.58 -20.57 14.35
N ILE B 114 26.16 -21.59 13.69
CA ILE B 114 25.67 -22.95 13.91
C ILE B 114 25.75 -23.29 15.40
N GLY B 115 24.57 -23.60 15.98
CA GLY B 115 24.45 -24.02 17.37
C GLY B 115 24.35 -22.86 18.36
N ALA B 116 24.37 -21.60 17.87
CA ALA B 116 24.38 -20.43 18.74
C ALA B 116 23.04 -20.26 19.45
N GLU B 117 22.98 -19.28 20.37
CA GLU B 117 21.78 -19.02 21.15
C GLU B 117 20.68 -18.46 20.26
N THR B 118 19.44 -18.98 20.41
CA THR B 118 18.30 -18.57 19.60
C THR B 118 17.40 -17.54 20.31
N ASP B 119 17.87 -16.96 21.43
CA ASP B 119 17.14 -15.90 22.13
C ASP B 119 18.08 -14.76 22.53
N ILE B 120 17.57 -13.53 22.45
CA ILE B 120 18.22 -12.35 23.00
C ILE B 120 17.19 -11.60 23.84
N ASN B 121 17.64 -10.94 24.92
CA ASN B 121 16.75 -10.13 25.75
C ASN B 121 16.41 -8.82 25.05
N PRO B 122 15.12 -8.49 24.84
CA PRO B 122 14.74 -7.31 24.09
C PRO B 122 14.94 -6.08 24.94
N THR B 123 14.75 -4.91 24.32
CA THR B 123 14.91 -3.65 25.03
C THR B 123 13.61 -2.87 24.87
N ASP B 124 13.19 -2.23 25.96
CA ASP B 124 11.94 -1.50 26.03
C ASP B 124 12.16 -0.13 25.40
N ILE B 125 11.29 0.24 24.42
CA ILE B 125 11.28 1.55 23.79
C ILE B 125 10.00 2.30 24.17
N VAL B 126 10.16 3.58 24.53
CA VAL B 126 9.09 4.51 24.85
C VAL B 126 9.15 5.64 23.83
N LEU B 127 8.00 5.97 23.21
CA LEU B 127 7.89 7.08 22.29
C LEU B 127 7.31 8.24 23.10
N TYR B 128 8.06 9.32 23.27
CA TYR B 128 7.56 10.51 23.90
C TYR B 128 7.16 11.50 22.80
N GLY B 129 5.85 11.66 22.64
CA GLY B 129 5.26 12.22 21.44
C GLY B 129 4.77 11.05 20.60
N PHE B 130 3.76 11.32 19.76
CA PHE B 130 3.15 10.33 18.91
C PHE B 130 2.65 11.04 17.64
N GLY B 131 3.45 11.96 17.13
CA GLY B 131 3.10 12.70 15.92
C GLY B 131 3.58 12.00 14.65
N ARG B 132 4.02 12.77 13.65
CA ARG B 132 4.22 12.22 12.32
C ARG B 132 5.40 11.25 12.32
N ILE B 133 6.51 11.67 12.94
CA ILE B 133 7.66 10.78 13.13
C ILE B 133 7.34 9.73 14.19
N GLY B 134 6.73 10.13 15.30
CA GLY B 134 6.46 9.19 16.37
C GLY B 134 5.78 7.90 15.88
N ARG B 135 4.77 8.04 15.03
CA ARG B 135 3.88 6.94 14.69
C ARG B 135 4.51 6.03 13.65
N LEU B 136 5.36 6.62 12.77
CA LEU B 136 6.07 5.84 11.77
C LEU B 136 7.15 5.04 12.49
N LEU B 137 7.76 5.63 13.50
CA LEU B 137 8.62 4.89 14.39
C LEU B 137 7.86 3.71 14.99
N ALA B 138 6.58 3.89 15.28
CA ALA B 138 5.87 2.82 15.96
C ALA B 138 5.57 1.70 14.96
N ARG B 139 5.33 2.07 13.71
CA ARG B 139 5.06 1.06 12.71
C ARG B 139 6.30 0.17 12.55
N ILE B 140 7.45 0.82 12.44
CA ILE B 140 8.67 0.11 12.15
C ILE B 140 8.96 -0.79 13.33
N LEU B 141 8.81 -0.26 14.54
CA LEU B 141 9.11 -0.99 15.75
C LEU B 141 8.28 -2.27 15.83
N VAL B 142 7.05 -2.25 15.31
CA VAL B 142 6.11 -3.37 15.40
C VAL B 142 6.44 -4.43 14.34
N SER B 143 6.75 -4.00 13.11
CA SER B 143 7.32 -4.87 12.09
C SER B 143 8.58 -5.62 12.54
N ARG B 144 9.49 -4.93 13.24
CA ARG B 144 10.82 -5.47 13.54
C ARG B 144 10.80 -6.27 14.82
N GLU B 145 9.82 -6.04 15.68
CA GLU B 145 9.67 -6.93 16.81
C GLU B 145 9.24 -8.30 16.27
N ALA B 146 8.58 -8.32 15.11
CA ALA B 146 8.05 -9.56 14.54
C ALA B 146 9.09 -10.29 13.70
N LEU B 147 10.14 -9.58 13.29
CA LEU B 147 11.24 -10.13 12.52
C LEU B 147 12.35 -10.54 13.49
N TYR B 148 12.71 -9.64 14.41
CA TYR B 148 13.94 -9.76 15.17
C TYR B 148 13.70 -9.84 16.69
N ASP B 149 12.60 -9.25 17.17
CA ASP B 149 12.24 -9.18 18.58
C ASP B 149 13.42 -8.64 19.40
N GLY B 150 13.99 -7.52 18.96
CA GLY B 150 15.08 -6.85 19.65
C GLY B 150 14.66 -5.59 20.39
N ALA B 151 13.86 -4.74 19.78
CA ALA B 151 13.40 -3.54 20.45
C ALA B 151 11.89 -3.64 20.51
N ARG B 152 11.34 -3.49 21.72
CA ARG B 152 9.92 -3.59 21.90
C ARG B 152 9.41 -2.22 22.25
N LEU B 153 8.51 -1.70 21.40
CA LEU B 153 7.71 -0.54 21.75
C LEU B 153 6.78 -0.97 22.89
N ARG B 154 6.83 -0.22 24.00
CA ARG B 154 6.05 -0.53 25.18
C ARG B 154 5.02 0.53 25.53
N ALA B 155 5.24 1.78 25.10
CA ALA B 155 4.46 2.92 25.59
C ALA B 155 4.60 4.17 24.73
N ILE B 156 3.55 5.00 24.73
CA ILE B 156 3.65 6.36 24.25
C ILE B 156 3.25 7.31 25.37
N VAL B 157 3.78 8.52 25.31
CA VAL B 157 3.44 9.56 26.26
C VAL B 157 2.88 10.76 25.52
N VAL B 158 1.65 11.09 25.87
CA VAL B 158 0.91 12.22 25.31
C VAL B 158 0.28 12.96 26.47
N ARG B 159 -0.05 14.22 26.24
CA ARG B 159 -0.60 15.06 27.30
C ARG B 159 -2.09 14.74 27.39
N LYS B 160 -2.68 14.95 28.58
CA LYS B 160 -4.10 14.66 28.78
C LYS B 160 -4.91 15.79 28.14
N ASN B 161 -5.92 15.41 27.34
CA ASN B 161 -6.69 16.36 26.54
C ASN B 161 -8.18 16.28 26.90
N GLY B 162 -8.92 15.40 26.20
CA GLY B 162 -10.37 15.39 26.21
C GLY B 162 -10.96 14.03 25.83
N GLU B 163 -10.40 12.97 26.44
CA GLU B 163 -11.11 11.76 26.87
C GLU B 163 -11.80 10.96 25.75
N GLU B 164 -11.74 11.43 24.49
CA GLU B 164 -11.85 10.53 23.34
C GLU B 164 -10.43 10.28 22.80
N ASP B 165 -9.44 10.85 23.49
CA ASP B 165 -8.01 10.77 23.19
C ASP B 165 -7.67 9.45 22.49
N LEU B 166 -7.84 8.35 23.22
CA LEU B 166 -7.25 7.06 22.92
C LEU B 166 -7.73 6.53 21.58
N VAL B 167 -9.01 6.73 21.30
CA VAL B 167 -9.54 6.27 20.02
C VAL B 167 -8.89 7.06 18.88
N LYS B 168 -8.58 8.33 19.08
CA LYS B 168 -8.02 9.08 17.95
C LYS B 168 -6.57 8.66 17.70
N ARG B 169 -5.88 8.32 18.80
CA ARG B 169 -4.48 8.00 18.73
C ARG B 169 -4.32 6.66 18.04
N ALA B 170 -5.12 5.70 18.42
CA ALA B 170 -5.16 4.45 17.69
C ALA B 170 -5.53 4.69 16.23
N SER B 171 -6.39 5.65 15.92
CA SER B 171 -6.84 5.79 14.54
C SER B 171 -5.72 6.40 13.72
N LEU B 172 -5.01 7.34 14.33
CA LEU B 172 -3.84 7.94 13.71
C LEU B 172 -2.73 6.91 13.45
N LEU B 173 -2.71 5.80 14.15
CA LEU B 173 -1.71 4.80 13.87
C LEU B 173 -2.26 3.82 12.81
N ARG B 174 -3.57 3.62 12.78
CA ARG B 174 -4.21 2.69 11.88
C ARG B 174 -4.17 3.25 10.46
N ARG B 175 -4.33 4.58 10.34
CA ARG B 175 -4.56 5.22 9.06
C ARG B 175 -3.60 6.37 8.83
N ASP B 176 -3.27 6.63 7.56
CA ASP B 176 -2.50 7.81 7.25
C ASP B 176 -2.80 8.32 5.87
N SER B 177 -3.17 9.58 5.76
CA SER B 177 -3.46 10.16 4.46
C SER B 177 -2.34 9.95 3.44
N VAL B 178 -1.09 9.87 3.89
CA VAL B 178 0.07 9.80 3.00
C VAL B 178 0.65 8.38 2.98
N HIS B 179 0.77 7.73 4.15
CA HIS B 179 1.50 6.48 4.24
C HIS B 179 0.59 5.27 4.15
N GLY B 180 -0.71 5.50 3.94
CA GLY B 180 -1.68 4.44 3.87
C GLY B 180 -1.78 3.62 5.17
N GLY B 181 -2.52 2.51 5.08
CA GLY B 181 -2.98 1.77 6.23
C GLY B 181 -1.86 1.02 6.93
N PHE B 182 -2.06 0.73 8.21
CA PHE B 182 -1.14 -0.07 8.99
C PHE B 182 -1.16 -1.53 8.53
N ASP B 183 0.01 -2.16 8.57
CA ASP B 183 0.20 -3.54 8.21
C ASP B 183 -0.13 -4.34 9.47
N GLY B 184 -1.43 -4.58 9.66
CA GLY B 184 -1.89 -5.40 10.76
C GLY B 184 -3.25 -4.95 11.26
N THR B 185 -3.56 -5.32 12.50
CA THR B 185 -4.78 -4.86 13.16
C THR B 185 -4.44 -3.98 14.36
N ILE B 186 -5.25 -2.93 14.59
CA ILE B 186 -5.08 -2.04 15.72
C ILE B 186 -6.35 -2.11 16.56
N THR B 187 -6.32 -2.76 17.74
CA THR B 187 -7.47 -2.72 18.63
C THR B 187 -7.12 -1.89 19.87
N THR B 188 -8.14 -1.33 20.52
CA THR B 188 -7.99 -0.49 21.68
C THR B 188 -8.69 -1.08 22.90
N ASP B 189 -7.93 -1.24 24.00
CA ASP B 189 -8.41 -1.62 25.32
C ASP B 189 -8.58 -0.35 26.15
N TYR B 190 -9.82 0.15 26.21
CA TYR B 190 -10.09 1.47 26.78
C TYR B 190 -9.90 1.43 28.28
N ASP B 191 -10.12 0.27 28.89
CA ASP B 191 -10.09 0.18 30.34
C ASP B 191 -8.66 0.32 30.84
N ASN B 192 -7.68 -0.29 30.15
CA ASN B 192 -6.28 -0.28 30.62
C ASN B 192 -5.40 0.71 29.86
N ASN B 193 -6.03 1.58 29.04
CA ASN B 193 -5.35 2.57 28.23
C ASN B 193 -4.25 1.93 27.39
N ILE B 194 -4.60 0.88 26.61
CA ILE B 194 -3.63 0.20 25.76
C ILE B 194 -4.10 0.28 24.30
N ILE B 195 -3.18 0.55 23.36
CA ILE B 195 -3.39 0.34 21.95
C ILE B 195 -2.65 -0.96 21.63
N TRP B 196 -3.39 -1.97 21.17
CA TRP B 196 -2.79 -3.17 20.61
C TRP B 196 -2.52 -2.95 19.13
N ALA B 197 -1.27 -3.21 18.77
CA ALA B 197 -0.87 -3.26 17.39
C ALA B 197 -0.24 -4.62 17.15
N ASN B 198 -0.96 -5.46 16.40
CA ASN B 198 -0.57 -6.83 16.16
C ASN B 198 -0.22 -7.49 17.50
N GLY B 199 0.95 -8.13 17.61
CA GLY B 199 1.28 -8.76 18.87
C GLY B 199 1.48 -7.77 20.04
N THR B 200 1.65 -6.48 19.76
CA THR B 200 2.36 -5.62 20.69
C THR B 200 1.42 -4.71 21.47
N PRO B 201 1.41 -4.80 22.81
CA PRO B 201 0.64 -3.87 23.64
C PRO B 201 1.30 -2.53 24.01
N ILE B 202 0.75 -1.44 23.48
CA ILE B 202 1.34 -0.13 23.69
C ILE B 202 0.57 0.60 24.79
N LYS B 203 1.20 0.85 25.95
CA LYS B 203 0.52 1.57 27.01
C LYS B 203 0.44 3.06 26.66
N VAL B 204 -0.71 3.69 26.78
CA VAL B 204 -0.70 5.13 26.60
C VAL B 204 -0.59 5.76 27.97
N ILE B 205 0.46 6.58 28.16
CA ILE B 205 0.77 7.23 29.42
C ILE B 205 0.43 8.71 29.31
N TYR B 206 -0.37 9.25 30.22
CA TYR B 206 -0.77 10.66 30.15
C TYR B 206 0.10 11.48 31.10
N SER B 207 0.85 12.46 30.57
CA SER B 207 1.69 13.29 31.45
C SER B 207 2.07 14.62 30.80
N ASN B 208 2.18 15.64 31.66
CA ASN B 208 2.56 17.00 31.31
C ASN B 208 4.01 17.31 31.72
N ASP B 209 4.73 16.33 32.24
CA ASP B 209 6.06 16.62 32.77
C ASP B 209 6.96 15.43 32.49
N PRO B 210 7.90 15.51 31.54
CA PRO B 210 8.72 14.36 31.20
C PRO B 210 9.52 13.81 32.38
N ALA B 211 9.58 14.58 33.47
CA ALA B 211 10.47 14.27 34.58
C ALA B 211 9.81 13.46 35.70
N THR B 212 8.47 13.40 35.72
CA THR B 212 7.74 12.82 36.84
C THR B 212 6.90 11.63 36.39
N ILE B 213 7.49 10.75 35.57
CA ILE B 213 6.88 9.46 35.22
C ILE B 213 7.65 8.33 35.90
N ASP B 214 6.92 7.40 36.54
CA ASP B 214 7.49 6.15 36.95
C ASP B 214 7.10 5.12 35.90
N TYR B 215 7.97 4.91 34.92
CA TYR B 215 7.71 3.93 33.88
C TYR B 215 7.66 2.52 34.46
N THR B 216 8.36 2.22 35.56
CA THR B 216 8.28 0.87 36.15
C THR B 216 6.87 0.50 36.59
N GLU B 217 6.03 1.49 36.88
CA GLU B 217 4.60 1.29 37.10
C GLU B 217 3.96 0.48 35.96
N TYR B 218 4.51 0.50 34.74
CA TYR B 218 3.89 -0.18 33.62
C TYR B 218 4.72 -1.39 33.19
N GLY B 219 5.64 -1.86 34.06
CA GLY B 219 6.57 -2.91 33.69
C GLY B 219 7.58 -2.46 32.62
N ILE B 220 7.95 -1.16 32.61
CA ILE B 220 8.99 -0.67 31.72
C ILE B 220 10.20 -0.34 32.59
N ASN B 221 11.37 -0.86 32.18
CA ASN B 221 12.63 -0.51 32.80
C ASN B 221 13.73 -0.35 31.76
N ASP B 222 14.74 0.46 32.08
CA ASP B 222 15.95 0.58 31.27
C ASP B 222 15.61 1.03 29.85
N ALA B 223 14.67 1.95 29.73
CA ALA B 223 14.08 2.17 28.42
C ALA B 223 14.85 3.30 27.73
N VAL B 224 14.94 3.16 26.41
CA VAL B 224 15.32 4.24 25.51
C VAL B 224 14.06 5.03 25.21
N VAL B 225 14.03 6.28 25.68
CA VAL B 225 12.99 7.22 25.31
C VAL B 225 13.39 7.83 23.97
N VAL B 226 12.51 7.71 22.97
CA VAL B 226 12.66 8.44 21.71
C VAL B 226 11.68 9.61 21.73
N ASP B 227 12.22 10.77 22.07
CA ASP B 227 11.47 11.99 22.17
C ASP B 227 11.28 12.50 20.75
N ASN B 228 10.05 12.45 20.26
CA ASN B 228 9.77 12.96 18.95
C ASN B 228 8.90 14.19 19.08
N THR B 229 8.93 14.85 20.26
CA THR B 229 8.11 16.02 20.47
C THR B 229 8.82 17.26 19.93
N GLY B 230 10.13 17.32 20.10
CA GLY B 230 10.90 18.50 19.72
C GLY B 230 10.68 19.71 20.63
N ARG B 231 10.05 19.53 21.79
CA ARG B 231 9.89 20.66 22.69
C ARG B 231 11.22 21.00 23.39
N TRP B 232 12.11 20.01 23.52
CA TRP B 232 13.37 20.23 24.21
C TRP B 232 14.50 19.69 23.34
N ARG B 233 15.45 20.57 23.01
CA ARG B 233 16.50 20.27 22.06
C ARG B 233 17.88 20.54 22.67
N ASP B 234 17.93 20.97 23.94
CA ASP B 234 19.15 21.21 24.68
C ASP B 234 19.29 20.12 25.74
N ARG B 235 20.51 19.88 26.22
CA ARG B 235 20.77 18.86 27.23
C ARG B 235 19.90 19.14 28.46
N GLU B 236 19.87 20.37 28.95
CA GLU B 236 19.13 20.61 30.19
C GLU B 236 17.70 20.08 30.05
N GLY B 237 17.10 20.30 28.89
CA GLY B 237 15.72 19.93 28.66
C GLY B 237 15.50 18.42 28.53
N LEU B 238 16.33 17.79 27.67
CA LEU B 238 16.24 16.36 27.45
C LEU B 238 16.58 15.58 28.71
N SER B 239 17.35 16.21 29.61
CA SER B 239 17.76 15.58 30.86
C SER B 239 16.53 15.30 31.74
N GLN B 240 15.38 15.94 31.42
CA GLN B 240 14.19 15.71 32.22
C GLN B 240 13.79 14.22 32.19
N HIS B 241 13.94 13.54 31.04
CA HIS B 241 13.55 12.14 30.92
C HIS B 241 14.36 11.25 31.86
N LEU B 242 15.63 11.60 32.10
CA LEU B 242 16.49 10.77 32.93
C LEU B 242 16.05 10.82 34.39
N LYS B 243 15.21 11.78 34.76
CA LYS B 243 14.69 11.84 36.12
C LYS B 243 13.54 10.86 36.31
N SER B 244 12.93 10.41 35.23
CA SER B 244 11.84 9.46 35.32
C SER B 244 12.37 8.06 35.59
N LYS B 245 11.77 7.39 36.59
CA LYS B 245 12.18 6.06 36.93
C LYS B 245 11.88 5.15 35.74
N GLY B 246 12.90 4.47 35.20
CA GLY B 246 12.70 3.49 34.15
C GLY B 246 13.49 3.84 32.89
N VAL B 247 14.11 5.01 32.91
CA VAL B 247 14.73 5.54 31.71
C VAL B 247 16.24 5.36 31.75
N ALA B 248 16.75 4.58 30.80
CA ALA B 248 18.19 4.52 30.58
C ALA B 248 18.68 5.62 29.65
N LYS B 249 18.07 5.78 28.45
CA LYS B 249 18.68 6.57 27.40
C LYS B 249 17.63 7.32 26.57
N VAL B 250 18.09 8.37 25.89
CA VAL B 250 17.21 9.31 25.23
C VAL B 250 17.75 9.59 23.84
N VAL B 251 16.84 9.51 22.87
CA VAL B 251 17.13 9.85 21.49
C VAL B 251 16.16 10.90 21.00
N LEU B 252 16.71 12.02 20.56
CA LEU B 252 15.96 13.17 20.13
C LEU B 252 15.86 13.10 18.61
N THR B 253 14.65 13.18 18.05
CA THR B 253 14.47 13.11 16.62
C THR B 253 14.52 14.49 15.95
N ALA B 254 15.63 15.18 16.18
CA ALA B 254 15.76 16.59 15.88
C ALA B 254 17.21 16.98 16.17
N PRO B 255 17.77 18.07 15.58
CA PRO B 255 19.12 18.53 15.91
C PRO B 255 19.25 18.91 17.39
N GLY B 256 20.21 18.30 18.11
CA GLY B 256 20.39 18.67 19.51
C GLY B 256 21.32 19.87 19.65
N LYS B 257 20.97 20.83 20.50
CA LYS B 257 21.76 22.05 20.69
C LYS B 257 22.96 21.81 21.61
N GLY B 258 23.99 22.65 21.44
CA GLY B 258 25.17 22.65 22.31
C GLY B 258 26.03 21.40 22.12
N ASP B 259 26.37 20.75 23.24
CA ASP B 259 27.33 19.68 23.24
C ASP B 259 26.69 18.36 22.79
N LEU B 260 25.38 18.30 22.62
CA LEU B 260 24.72 17.05 22.26
C LEU B 260 25.26 16.49 20.94
N LYS B 261 25.66 15.23 20.93
CA LYS B 261 26.08 14.62 19.68
C LYS B 261 24.90 14.64 18.72
N ASN B 262 25.16 15.02 17.46
CA ASN B 262 24.21 14.87 16.38
C ASN B 262 24.63 13.67 15.53
N ILE B 263 23.83 12.60 15.54
CA ILE B 263 24.25 11.34 14.95
C ILE B 263 23.55 11.11 13.64
N VAL B 264 24.34 10.96 12.57
CA VAL B 264 23.84 10.51 11.29
C VAL B 264 24.28 9.06 11.20
N TYR B 265 23.32 8.15 11.19
CA TYR B 265 23.66 6.73 11.13
C TYR B 265 24.35 6.44 9.81
N GLY B 266 25.31 5.51 9.91
CA GLY B 266 26.19 5.15 8.81
C GLY B 266 27.45 6.00 8.82
N ILE B 267 27.44 7.11 9.56
CA ILE B 267 28.45 8.13 9.36
C ILE B 267 29.12 8.43 10.69
N ASN B 268 28.38 8.47 11.79
CA ASN B 268 29.10 8.68 13.05
C ASN B 268 28.43 7.97 14.23
N HIS B 269 27.85 6.79 13.99
CA HIS B 269 27.23 6.03 15.07
C HIS B 269 28.28 5.27 15.86
N THR B 270 29.45 5.03 15.23
CA THR B 270 30.64 4.58 15.93
C THR B 270 31.12 5.54 17.01
N ASP B 271 30.68 6.81 17.02
CA ASP B 271 31.05 7.75 18.08
C ASP B 271 30.03 7.71 19.23
N ILE B 272 29.03 6.81 19.16
CA ILE B 272 28.17 6.60 20.30
C ILE B 272 28.92 5.72 21.30
N THR B 273 29.07 6.19 22.53
CA THR B 273 29.69 5.40 23.58
C THR B 273 28.66 4.91 24.59
N ALA B 274 28.92 3.71 25.12
CA ALA B 274 28.34 3.18 26.34
C ALA B 274 27.95 4.27 27.36
N ASP B 275 28.69 5.37 27.47
CA ASP B 275 28.38 6.38 28.49
C ASP B 275 27.42 7.47 28.01
N ASP B 276 27.17 7.58 26.69
CA ASP B 276 26.30 8.63 26.16
C ASP B 276 24.84 8.34 26.48
N GLN B 277 24.26 9.19 27.34
CA GLN B 277 22.91 9.00 27.86
C GLN B 277 21.89 9.70 26.96
N ILE B 278 22.33 10.73 26.23
CA ILE B 278 21.44 11.61 25.48
C ILE B 278 22.04 11.90 24.13
N VAL B 279 21.36 11.44 23.09
CA VAL B 279 21.83 11.58 21.72
C VAL B 279 20.67 12.06 20.82
N SER B 280 21.02 12.63 19.66
CA SER B 280 20.08 13.26 18.75
C SER B 280 20.33 12.72 17.35
N ALA B 281 19.27 12.55 16.54
CA ALA B 281 19.41 11.95 15.22
C ALA B 281 19.46 12.99 14.11
N ALA B 282 19.71 14.25 14.44
CA ALA B 282 19.78 15.31 13.44
C ALA B 282 18.44 15.50 12.73
N SER B 283 18.46 16.25 11.62
CA SER B 283 17.26 16.49 10.82
C SER B 283 17.22 15.55 9.60
N CYS B 284 16.11 15.61 8.85
CA CYS B 284 15.86 14.74 7.72
C CYS B 284 16.80 15.08 6.57
N THR B 285 17.11 16.37 6.41
CA THR B 285 17.91 16.85 5.30
C THR B 285 19.37 16.51 5.60
N THR B 286 19.78 16.82 6.84
CA THR B 286 21.08 16.38 7.33
C THR B 286 21.33 14.91 7.03
N ASN B 287 20.35 14.04 7.30
CA ASN B 287 20.51 12.63 7.04
C ASN B 287 20.51 12.30 5.56
N ALA B 288 19.82 13.10 4.75
CA ALA B 288 19.77 12.94 3.30
C ALA B 288 21.10 13.25 2.61
N ILE B 289 21.81 14.30 3.08
CA ILE B 289 22.96 14.83 2.35
C ILE B 289 24.33 14.48 2.96
N THR B 290 24.37 14.11 4.25
CA THR B 290 25.63 13.92 4.94
C THR B 290 26.37 12.70 4.42
N PRO B 291 25.78 11.51 4.25
CA PRO B 291 26.50 10.43 3.57
C PRO B 291 27.26 10.90 2.34
N VAL B 292 26.53 11.65 1.49
CA VAL B 292 26.92 12.05 0.13
C VAL B 292 28.08 13.06 0.17
N LEU B 293 27.91 14.13 0.95
CA LEU B 293 28.91 15.16 1.14
C LEU B 293 30.21 14.57 1.71
N LYS B 294 30.10 13.72 2.75
CA LYS B 294 31.25 13.06 3.33
C LYS B 294 32.00 12.27 2.26
N VAL B 295 31.27 11.43 1.52
CA VAL B 295 31.84 10.58 0.49
C VAL B 295 32.48 11.40 -0.64
N ILE B 296 31.92 12.58 -0.96
CA ILE B 296 32.43 13.38 -2.07
C ILE B 296 33.64 14.17 -1.59
N ASN B 297 33.57 14.70 -0.37
CA ASN B 297 34.64 15.47 0.23
C ASN B 297 35.91 14.63 0.44
N ASP B 298 35.77 13.32 0.69
CA ASP B 298 36.93 12.47 0.97
C ASP B 298 37.60 12.12 -0.35
N ARG B 299 36.80 11.94 -1.40
CA ARG B 299 37.36 11.57 -2.69
C ARG B 299 37.93 12.81 -3.38
N TYR B 300 37.11 13.86 -3.55
CA TYR B 300 37.42 15.01 -4.41
C TYR B 300 37.76 16.26 -3.60
N GLY B 301 37.10 16.46 -2.47
CA GLY B 301 37.30 17.69 -1.72
C GLY B 301 36.30 18.77 -2.13
N VAL B 302 35.72 19.40 -1.12
CA VAL B 302 34.61 20.32 -1.27
C VAL B 302 35.16 21.66 -0.82
N GLU B 303 35.45 22.54 -1.77
CA GLU B 303 35.80 23.90 -1.40
C GLU B 303 34.59 24.53 -0.72
N PHE B 304 33.46 24.43 -1.43
CA PHE B 304 32.22 25.04 -0.99
C PHE B 304 31.06 24.23 -1.53
N GLY B 305 29.99 24.21 -0.72
CA GLY B 305 28.72 23.56 -1.02
C GLY B 305 27.57 24.47 -0.59
N HIS B 306 26.60 24.67 -1.51
CA HIS B 306 25.25 25.09 -1.17
C HIS B 306 24.28 23.92 -1.34
N VAL B 307 23.35 23.84 -0.38
CA VAL B 307 22.20 22.93 -0.40
C VAL B 307 20.95 23.77 -0.60
N GLU B 308 20.17 23.49 -1.63
CA GLU B 308 18.80 23.97 -1.68
C GLU B 308 17.91 22.76 -1.53
N THR B 309 17.03 22.79 -0.54
CA THR B 309 16.07 21.71 -0.49
C THR B 309 14.71 22.24 -0.91
N VAL B 310 14.11 21.55 -1.89
CA VAL B 310 12.69 21.76 -2.16
C VAL B 310 11.90 20.76 -1.31
N HIS B 311 11.33 21.26 -0.21
CA HIS B 311 10.88 20.44 0.90
C HIS B 311 9.35 20.45 1.03
N SER B 312 8.78 19.27 1.31
CA SER B 312 7.39 19.16 1.74
C SER B 312 7.13 20.02 2.96
N PHE B 313 5.88 20.44 3.17
CA PHE B 313 5.53 21.16 4.38
C PHE B 313 5.41 20.19 5.57
N THR B 314 5.51 20.76 6.78
CA THR B 314 5.38 20.00 8.01
C THR B 314 4.30 20.66 8.86
N ASN B 315 3.98 20.05 10.02
CA ASN B 315 2.67 20.26 10.63
C ASN B 315 2.73 21.45 11.56
N ASP B 316 3.94 21.98 11.79
CA ASP B 316 4.09 23.23 12.52
C ASP B 316 3.58 24.42 11.68
N GLN B 317 3.57 24.28 10.35
CA GLN B 317 3.14 25.36 9.48
C GLN B 317 1.62 25.46 9.54
N ASN B 318 1.06 26.36 8.74
CA ASN B 318 -0.32 26.77 8.81
C ASN B 318 -1.00 26.48 7.48
N LEU B 319 -2.24 25.96 7.52
CA LEU B 319 -3.09 25.85 6.34
C LEU B 319 -3.32 27.22 5.70
N ILE B 320 -3.43 28.24 6.53
CA ILE B 320 -3.78 29.54 6.02
C ILE B 320 -3.01 30.59 6.85
N ASP B 321 -2.70 31.71 6.20
CA ASP B 321 -1.74 32.68 6.69
C ASP B 321 -2.04 33.12 8.12
N ASN B 322 -1.01 32.98 8.95
CA ASN B 322 -1.14 33.24 10.38
C ASN B 322 0.27 33.33 10.96
N PHE B 323 0.33 33.70 12.22
CA PHE B 323 1.59 34.00 12.87
C PHE B 323 2.36 32.69 13.06
N HIS B 324 3.69 32.80 13.14
CA HIS B 324 4.57 31.65 13.32
C HIS B 324 5.96 32.11 13.76
N LYS B 325 6.62 31.30 14.61
CA LYS B 325 7.97 31.55 15.13
C LYS B 325 8.93 31.89 13.98
N GLY B 326 9.05 31.02 12.98
CA GLY B 326 10.13 31.07 12.02
C GLY B 326 9.90 32.07 10.89
N SER B 327 10.99 32.26 10.12
CA SER B 327 11.11 33.07 8.89
C SER B 327 9.76 33.30 8.21
N ARG B 328 9.42 32.54 7.19
CA ARG B 328 8.20 32.88 6.45
C ARG B 328 7.18 31.71 6.49
N ARG B 329 7.31 30.86 7.52
CA ARG B 329 6.72 29.53 7.61
C ARG B 329 5.22 29.62 7.87
N GLY B 330 4.81 30.73 8.51
CA GLY B 330 3.43 31.00 8.86
C GLY B 330 2.53 31.41 7.68
N ARG B 331 3.10 31.78 6.53
CA ARG B 331 2.27 31.82 5.35
C ARG B 331 1.72 30.41 5.07
N ALA B 332 0.64 30.38 4.29
CA ALA B 332 -0.12 29.18 4.02
C ALA B 332 0.70 28.25 3.10
N ALA B 333 1.07 27.11 3.69
CA ALA B 333 1.89 26.07 3.12
C ALA B 333 1.35 25.43 1.85
N GLY B 334 0.04 25.31 1.70
CA GLY B 334 -0.55 24.60 0.55
C GLY B 334 -0.85 25.53 -0.63
N LEU B 335 -0.61 26.83 -0.47
CA LEU B 335 -0.90 27.76 -1.54
C LEU B 335 0.38 28.42 -2.06
N ASN B 336 1.51 28.23 -1.37
CA ASN B 336 2.70 29.04 -1.62
C ASN B 336 3.95 28.18 -1.70
N MET B 337 4.89 28.67 -2.51
CA MET B 337 6.32 28.43 -2.40
C MET B 337 6.84 29.37 -1.32
N VAL B 338 7.53 28.80 -0.29
CA VAL B 338 7.97 29.57 0.86
C VAL B 338 9.46 29.35 1.11
N LEU B 339 10.24 30.46 1.06
CA LEU B 339 11.67 30.49 1.40
C LEU B 339 11.90 30.42 2.89
N THR B 340 12.67 29.43 3.36
CA THR B 340 12.77 29.12 4.78
C THR B 340 14.23 28.88 5.20
N GLU B 341 14.51 29.22 6.46
CA GLU B 341 15.81 28.94 7.07
C GLU B 341 15.91 27.44 7.30
N THR B 342 16.91 26.81 6.69
CA THR B 342 17.32 25.45 7.04
C THR B 342 18.50 25.64 7.97
N GLY B 343 18.69 24.70 8.92
CA GLY B 343 19.89 24.66 9.76
C GLY B 343 20.94 23.69 9.24
N ALA B 344 20.80 23.23 7.98
CA ALA B 344 21.48 22.04 7.47
C ALA B 344 22.97 22.25 7.28
N ALA B 345 23.41 23.47 6.93
CA ALA B 345 24.84 23.77 6.91
C ALA B 345 25.48 23.43 8.25
N LYS B 346 24.98 24.09 9.31
CA LYS B 346 25.43 23.91 10.68
C LYS B 346 25.35 22.43 11.10
N ALA B 347 24.27 21.73 10.74
CA ALA B 347 24.04 20.35 11.14
C ALA B 347 25.06 19.40 10.51
N VAL B 348 25.47 19.70 9.26
CA VAL B 348 26.33 18.83 8.47
C VAL B 348 27.78 18.96 8.94
N SER B 349 28.09 20.17 9.44
CA SER B 349 29.35 20.52 10.06
C SER B 349 29.49 19.83 11.41
N LYS B 350 28.41 19.76 12.19
CA LYS B 350 28.48 19.01 13.43
C LYS B 350 29.01 17.59 13.16
N ALA B 351 28.42 16.89 12.19
CA ALA B 351 28.70 15.47 12.01
C ALA B 351 29.91 15.26 11.10
N LEU B 352 30.11 16.18 10.14
CA LEU B 352 31.37 16.27 9.41
C LEU B 352 32.11 17.53 9.86
N PRO B 353 33.00 17.49 10.89
CA PRO B 353 33.53 18.73 11.47
C PRO B 353 34.49 19.44 10.51
N GLU B 354 34.86 18.70 9.45
CA GLU B 354 35.81 19.11 8.44
C GLU B 354 35.21 20.04 7.36
N LEU B 355 33.90 20.26 7.36
CA LEU B 355 33.29 21.16 6.39
C LEU B 355 32.84 22.43 7.08
N GLU B 356 33.11 22.56 8.39
CA GLU B 356 32.88 23.79 9.11
C GLU B 356 33.33 24.95 8.23
N GLY B 357 32.43 25.92 8.03
CA GLY B 357 32.74 27.20 7.38
C GLY B 357 32.64 27.17 5.85
N LYS B 358 32.40 25.98 5.28
CA LYS B 358 32.40 25.75 3.84
C LYS B 358 30.99 25.59 3.27
N LEU B 359 29.92 25.70 4.08
CA LEU B 359 28.61 25.32 3.57
C LEU B 359 27.57 26.41 3.84
N THR B 360 26.67 26.60 2.85
CA THR B 360 25.45 27.37 3.05
C THR B 360 24.25 26.52 2.64
N GLY B 361 23.06 26.92 3.12
CA GLY B 361 21.86 26.22 2.70
C GLY B 361 20.59 27.02 2.93
N ASN B 362 19.52 26.56 2.26
CA ASN B 362 18.25 27.22 2.23
C ASN B 362 17.18 26.20 1.88
N ALA B 363 15.96 26.44 2.37
CA ALA B 363 14.83 25.61 2.02
C ALA B 363 13.84 26.42 1.21
N ILE B 364 13.16 25.70 0.29
CA ILE B 364 11.89 26.16 -0.26
C ILE B 364 10.82 25.13 0.09
N ARG B 365 9.86 25.55 0.90
CA ARG B 365 8.76 24.68 1.26
C ARG B 365 7.65 24.84 0.23
N VAL B 366 7.20 23.70 -0.35
CA VAL B 366 6.17 23.70 -1.37
C VAL B 366 5.00 22.81 -0.92
N PRO B 367 3.85 23.02 -1.60
CA PRO B 367 2.61 22.32 -1.27
C PRO B 367 2.59 20.82 -1.49
N THR B 368 3.49 20.08 -0.87
CA THR B 368 3.32 18.63 -0.89
C THR B 368 3.34 18.15 0.55
N PRO B 369 2.71 17.03 0.88
CA PRO B 369 2.70 16.58 2.28
C PRO B 369 3.86 15.70 2.74
N ASP B 370 4.58 15.06 1.80
CA ASP B 370 5.78 14.30 2.14
C ASP B 370 6.69 14.15 0.93
N VAL B 371 7.99 14.05 1.24
CA VAL B 371 9.09 13.78 0.33
C VAL B 371 9.70 15.12 -0.05
N SER B 372 11.04 15.13 -0.10
CA SER B 372 11.80 16.31 -0.41
C SER B 372 12.95 15.91 -1.33
N MET B 373 13.75 16.92 -1.70
CA MET B 373 14.69 16.90 -2.82
C MET B 373 15.74 17.94 -2.49
N ALA B 374 16.94 17.45 -2.17
CA ALA B 374 18.11 18.30 -1.97
C ALA B 374 18.84 18.51 -3.30
N VAL B 375 19.18 19.78 -3.59
CA VAL B 375 20.09 20.10 -4.68
C VAL B 375 21.39 20.59 -4.05
N LEU B 376 22.48 19.88 -4.36
CA LEU B 376 23.80 20.18 -3.82
C LEU B 376 24.65 20.80 -4.92
N ASN B 377 24.91 22.11 -4.81
CA ASN B 377 25.82 22.84 -5.66
C ASN B 377 27.22 22.84 -5.02
N LEU B 378 28.13 22.03 -5.59
CA LEU B 378 29.42 21.74 -4.97
C LEU B 378 30.58 22.21 -5.85
N THR B 379 31.37 23.13 -5.27
CA THR B 379 32.67 23.49 -5.78
C THR B 379 33.73 22.57 -5.17
N LEU B 380 34.31 21.71 -6.01
CA LEU B 380 35.35 20.77 -5.60
C LEU B 380 36.74 21.41 -5.68
N ASN B 381 37.70 20.75 -5.01
CA ASN B 381 39.11 21.01 -5.20
C ASN B 381 39.76 20.08 -6.24
N THR B 382 38.97 19.40 -7.09
CA THR B 382 39.53 18.66 -8.22
C THR B 382 38.55 18.71 -9.39
N GLU B 383 39.07 18.55 -10.60
CA GLU B 383 38.22 18.44 -11.78
C GLU B 383 37.66 17.04 -11.82
N VAL B 384 36.42 16.90 -12.26
CA VAL B 384 35.68 15.66 -12.19
C VAL B 384 34.88 15.48 -13.47
N ASP B 385 34.64 14.22 -13.81
CA ASP B 385 33.83 13.82 -14.93
C ASP B 385 32.51 13.36 -14.34
N ARG B 386 31.45 13.42 -15.14
CA ARG B 386 30.10 13.12 -14.73
C ARG B 386 29.90 11.61 -14.53
N ASP B 387 30.35 10.79 -15.48
CA ASP B 387 30.10 9.36 -15.44
C ASP B 387 30.93 8.74 -14.31
N GLU B 388 32.09 9.34 -14.00
CA GLU B 388 32.95 8.76 -12.97
C GLU B 388 32.33 9.01 -11.60
N VAL B 389 31.82 10.22 -11.37
CA VAL B 389 31.08 10.53 -10.15
C VAL B 389 29.80 9.67 -10.06
N ASN B 390 29.05 9.50 -11.15
CA ASN B 390 27.85 8.68 -11.07
C ASN B 390 28.23 7.24 -10.67
N GLU B 391 29.28 6.67 -11.29
CA GLU B 391 29.66 5.28 -11.06
C GLU B 391 30.20 5.11 -9.63
N PHE B 392 31.04 6.04 -9.16
CA PHE B 392 31.53 6.00 -7.78
C PHE B 392 30.42 6.15 -6.74
N LEU B 393 29.35 6.95 -7.00
CA LEU B 393 28.22 7.01 -6.07
C LEU B 393 27.34 5.76 -6.19
N ARG B 394 27.16 5.22 -7.40
CA ARG B 394 26.41 4.00 -7.57
C ARG B 394 27.11 2.87 -6.81
N ARG B 395 28.45 2.90 -6.79
CA ARG B 395 29.23 1.87 -6.11
C ARG B 395 29.04 1.99 -4.60
N VAL B 396 29.19 3.20 -4.07
CA VAL B 396 28.99 3.41 -2.65
C VAL B 396 27.59 2.96 -2.26
N SER B 397 26.61 3.39 -3.06
CA SER B 397 25.22 3.10 -2.79
C SER B 397 24.95 1.60 -2.73
N LEU B 398 25.59 0.81 -3.61
CA LEU B 398 25.16 -0.58 -3.80
C LEU B 398 26.07 -1.56 -3.08
N HIS B 399 27.30 -1.17 -2.71
CA HIS B 399 28.29 -2.07 -2.13
C HIS B 399 29.02 -1.48 -0.93
N SER B 400 28.92 -0.19 -0.65
CA SER B 400 29.63 0.30 0.52
C SER B 400 28.83 -0.02 1.77
N ASP B 401 29.37 0.38 2.92
CA ASP B 401 28.72 0.22 4.21
C ASP B 401 27.76 1.38 4.49
N LEU B 402 27.61 2.31 3.53
CA LEU B 402 26.54 3.29 3.55
C LEU B 402 25.48 2.83 2.55
N ARG B 403 25.43 1.53 2.26
CA ARG B 403 24.52 0.96 1.27
C ARG B 403 23.06 1.34 1.59
N GLN B 404 22.71 1.32 2.87
CA GLN B 404 21.32 1.50 3.27
C GLN B 404 20.99 2.99 3.49
N GLN B 405 22.00 3.83 3.73
CA GLN B 405 21.82 5.27 3.79
C GLN B 405 21.74 5.91 2.39
N ILE B 406 22.29 5.29 1.34
CA ILE B 406 22.35 5.92 0.04
C ILE B 406 21.82 4.97 -1.03
N ASP B 407 20.89 5.46 -1.87
CA ASP B 407 20.55 4.71 -3.06
C ASP B 407 20.92 5.51 -4.30
N TRP B 408 21.01 4.78 -5.42
CA TRP B 408 21.33 5.37 -6.70
C TRP B 408 20.30 4.85 -7.67
N ILE B 409 19.76 5.76 -8.46
CA ILE B 409 18.85 5.35 -9.51
C ILE B 409 19.14 6.16 -10.77
N ARG B 410 18.60 5.59 -11.85
CA ARG B 410 18.69 6.13 -13.19
C ARG B 410 17.32 5.89 -13.80
N SER B 411 16.27 6.23 -13.05
CA SER B 411 14.91 6.02 -13.51
C SER B 411 14.41 7.30 -14.17
N PRO B 412 13.99 7.29 -15.46
CA PRO B 412 13.53 8.53 -16.11
C PRO B 412 12.09 8.95 -15.85
N GLU B 413 11.39 8.26 -14.93
CA GLU B 413 9.94 8.32 -14.82
C GLU B 413 9.45 8.66 -13.40
N VAL B 414 10.32 8.50 -12.42
CA VAL B 414 9.96 8.60 -11.02
C VAL B 414 9.78 10.08 -10.63
N VAL B 415 8.87 10.36 -9.67
CA VAL B 415 8.57 11.69 -9.12
C VAL B 415 8.30 11.49 -7.63
N SER B 416 7.95 12.56 -6.90
CA SER B 416 8.16 12.60 -5.47
C SER B 416 7.27 11.58 -4.78
N THR B 417 6.13 11.36 -5.39
CA THR B 417 5.18 10.43 -4.84
C THR B 417 5.78 9.02 -4.77
N ASP B 418 6.68 8.69 -5.70
CA ASP B 418 7.14 7.33 -5.83
C ASP B 418 8.14 7.01 -4.70
N PHE B 419 8.60 8.06 -3.99
CA PHE B 419 9.57 7.84 -2.92
C PHE B 419 8.90 7.66 -1.54
N VAL B 420 7.57 7.84 -1.47
CA VAL B 420 6.87 7.63 -0.21
C VAL B 420 7.13 6.18 0.23
N GLY B 421 7.77 6.03 1.38
CA GLY B 421 7.91 4.71 1.96
C GLY B 421 9.28 4.10 1.72
N THR B 422 10.23 4.92 1.25
CA THR B 422 11.57 4.43 1.00
C THR B 422 12.37 4.38 2.31
N THR B 423 13.24 3.39 2.34
CA THR B 423 13.92 3.02 3.55
C THR B 423 15.31 3.65 3.56
N HIS B 424 15.69 4.36 2.48
CA HIS B 424 16.99 5.02 2.41
C HIS B 424 16.91 6.47 2.90
N ALA B 425 18.02 7.00 3.39
CA ALA B 425 18.01 8.35 3.90
C ALA B 425 18.06 9.34 2.74
N GLY B 426 18.45 8.84 1.57
CA GLY B 426 18.88 9.69 0.49
C GLY B 426 19.01 8.83 -0.76
N ILE B 427 18.42 9.32 -1.86
CA ILE B 427 18.43 8.61 -3.11
C ILE B 427 18.89 9.55 -4.22
N VAL B 428 20.07 9.27 -4.77
CA VAL B 428 20.69 10.14 -5.75
C VAL B 428 20.04 9.88 -7.09
N ASP B 429 19.49 10.93 -7.73
CA ASP B 429 18.99 10.78 -9.08
C ASP B 429 20.16 11.02 -10.03
N GLY B 430 20.54 9.94 -10.71
CA GLY B 430 21.79 9.87 -11.45
C GLY B 430 21.71 10.58 -12.80
N LEU B 431 20.53 10.50 -13.45
CA LEU B 431 20.30 11.18 -14.72
C LEU B 431 20.52 12.68 -14.58
N ALA B 432 20.11 13.24 -13.42
CA ALA B 432 20.23 14.66 -13.16
C ALA B 432 21.67 15.16 -13.01
N THR B 433 22.65 14.29 -12.71
CA THR B 433 23.94 14.72 -12.21
C THR B 433 24.65 15.66 -13.20
N ILE B 434 25.31 16.70 -12.67
CA ILE B 434 26.06 17.67 -13.45
C ILE B 434 27.48 17.75 -12.92
N ALA B 435 28.45 17.82 -13.85
CA ALA B 435 29.86 17.88 -13.52
C ALA B 435 30.62 18.63 -14.61
N THR B 436 31.41 19.63 -14.24
CA THR B 436 31.97 20.54 -15.22
C THR B 436 33.11 21.31 -14.57
N GLY B 437 34.34 20.90 -14.91
CA GLY B 437 35.49 21.37 -14.18
C GLY B 437 35.37 20.96 -12.71
N ARG B 438 35.43 21.95 -11.82
CA ARG B 438 35.46 21.70 -10.39
C ARG B 438 34.04 21.73 -9.80
N HIS B 439 33.01 21.92 -10.64
CA HIS B 439 31.63 22.04 -10.23
C HIS B 439 30.88 20.72 -10.35
N LEU B 440 30.31 20.31 -9.20
CA LEU B 440 29.37 19.20 -9.15
C LEU B 440 28.03 19.69 -8.60
N VAL B 441 26.96 19.15 -9.24
CA VAL B 441 25.60 19.35 -8.78
C VAL B 441 24.91 18.00 -8.65
N LEU B 442 24.45 17.69 -7.42
CA LEU B 442 23.84 16.40 -7.16
C LEU B 442 22.41 16.63 -6.70
N TYR B 443 21.51 15.72 -7.11
CA TYR B 443 20.11 15.80 -6.73
C TYR B 443 19.73 14.59 -5.88
N VAL B 444 19.16 14.83 -4.68
CA VAL B 444 18.95 13.77 -3.73
C VAL B 444 17.47 13.78 -3.32
N TRP B 445 16.78 12.66 -3.49
CA TRP B 445 15.43 12.48 -2.98
C TRP B 445 15.50 11.98 -1.56
N TYR B 446 14.48 12.34 -0.76
CA TYR B 446 14.25 11.62 0.47
C TYR B 446 12.81 11.71 0.93
N ASP B 447 12.29 10.59 1.40
CA ASP B 447 11.06 10.58 2.16
C ASP B 447 11.41 11.08 3.54
N ASN B 448 11.25 12.39 3.73
CA ASN B 448 11.62 13.04 4.98
C ASN B 448 10.84 12.50 6.18
N GLU B 449 9.74 11.77 6.00
CA GLU B 449 9.08 11.24 7.17
C GLU B 449 9.66 9.86 7.50
N PHE B 450 9.64 8.92 6.53
CA PHE B 450 9.93 7.51 6.74
C PHE B 450 11.43 7.20 6.66
N GLY B 451 12.06 7.83 5.64
CA GLY B 451 13.48 7.65 5.43
C GLY B 451 14.24 8.02 6.69
N TYR B 452 13.91 9.19 7.22
CA TYR B 452 14.52 9.65 8.44
C TYR B 452 14.12 8.72 9.58
N SER B 453 12.86 8.28 9.60
CA SER B 453 12.45 7.48 10.73
C SER B 453 13.33 6.23 10.82
N ASN B 454 13.65 5.65 9.67
CA ASN B 454 14.45 4.42 9.61
C ASN B 454 15.85 4.62 10.18
N GLN B 455 16.44 5.79 9.93
CA GLN B 455 17.71 6.14 10.51
C GLN B 455 17.57 6.19 12.02
N VAL B 456 16.43 6.71 12.51
CA VAL B 456 16.31 6.84 13.94
C VAL B 456 16.19 5.45 14.59
N ILE B 457 15.40 4.58 13.98
CA ILE B 457 15.35 3.20 14.42
C ILE B 457 16.74 2.59 14.50
N ARG B 458 17.60 2.83 13.49
CA ARG B 458 18.93 2.22 13.53
C ARG B 458 19.73 2.76 14.72
N ILE B 459 19.64 4.07 14.96
CA ILE B 459 20.32 4.63 16.11
C ILE B 459 19.80 3.96 17.38
N VAL B 460 18.49 3.71 17.43
CA VAL B 460 17.89 3.15 18.62
C VAL B 460 18.46 1.75 18.85
N GLU B 461 18.65 0.95 17.80
CA GLU B 461 19.16 -0.40 17.95
C GLU B 461 20.66 -0.43 18.23
N GLU B 462 21.49 0.43 17.64
CA GLU B 462 22.86 0.50 18.10
C GLU B 462 22.94 0.76 19.59
N ILE B 463 22.17 1.78 20.07
CA ILE B 463 22.16 2.16 21.47
C ILE B 463 21.64 1.02 22.35
N ALA B 464 20.70 0.23 21.83
CA ALA B 464 20.13 -0.85 22.59
C ALA B 464 21.00 -2.10 22.49
N GLY B 465 21.85 -2.19 21.47
CA GLY B 465 22.74 -3.32 21.27
C GLY B 465 22.09 -4.46 20.48
N VAL B 466 21.14 -4.14 19.60
CA VAL B 466 20.33 -5.19 19.01
C VAL B 466 20.24 -4.99 17.50
N ARG B 467 21.12 -4.15 16.92
CA ARG B 467 21.34 -4.25 15.49
C ARG B 467 21.51 -5.73 15.15
N PRO B 468 20.84 -6.30 14.13
CA PRO B 468 21.15 -7.67 13.71
C PRO B 468 22.47 -7.69 12.92
N ARG B 469 23.18 -8.81 12.98
CA ARG B 469 24.41 -8.97 12.21
C ARG B 469 24.10 -9.84 11.00
N VAL B 470 24.68 -9.47 9.86
CA VAL B 470 24.34 -10.15 8.61
C VAL B 470 25.52 -11.03 8.24
N TYR B 471 25.22 -12.30 7.91
CA TYR B 471 26.22 -13.28 7.51
C TYR B 471 25.96 -13.72 6.07
N PRO B 472 26.94 -13.65 5.13
CA PRO B 472 28.30 -13.15 5.37
C PRO B 472 28.64 -11.80 4.71
PA NAP C . -8.98 9.46 -19.11
O1A NAP C . -8.26 9.24 -17.84
O2A NAP C . -8.96 10.71 -19.93
O5B NAP C . -8.65 8.21 -20.06
C5B NAP C . -9.29 8.08 -21.34
C4B NAP C . -8.45 7.19 -22.21
O4B NAP C . -9.11 7.11 -23.48
C3B NAP C . -7.03 7.65 -22.52
O3B NAP C . -6.30 6.46 -22.74
C2B NAP C . -7.19 8.44 -23.82
O2B NAP C . -6.10 8.54 -24.78
C1B NAP C . -8.27 7.61 -24.51
N9A NAP C . -9.02 8.35 -25.52
C8A NAP C . -9.67 9.55 -25.40
N7A NAP C . -10.21 9.96 -26.52
C5A NAP C . -9.87 9.00 -27.45
C6A NAP C . -10.11 8.89 -28.82
N6A NAP C . -10.80 9.75 -29.54
N1A NAP C . -9.59 7.81 -29.45
C2A NAP C . -8.91 6.93 -28.74
N3A NAP C . -8.62 6.93 -27.46
C4A NAP C . -9.13 8.01 -26.85
O3 NAP C . -10.54 9.31 -18.80
PN NAP C . -11.15 8.51 -17.59
O1N NAP C . -10.49 7.19 -17.42
O2N NAP C . -11.21 9.44 -16.42
O5D NAP C . -12.62 8.31 -18.16
C5D NAP C . -12.95 7.29 -19.09
C4D NAP C . -14.47 7.23 -19.19
O4D NAP C . -14.99 6.67 -17.97
C3D NAP C . -15.19 8.58 -19.38
O3D NAP C . -16.32 8.42 -20.23
C2D NAP C . -15.72 8.93 -17.98
O2D NAP C . -16.96 9.60 -18.07
C1D NAP C . -15.98 7.54 -17.41
N1N NAP C . -15.88 7.37 -15.97
C2N NAP C . -14.88 7.95 -15.26
C3N NAP C . -14.83 7.73 -13.89
C7N NAP C . -13.77 8.37 -13.05
O7N NAP C . -12.67 8.70 -13.55
N7N NAP C . -14.09 8.61 -11.79
C4N NAP C . -15.72 6.86 -13.28
C5N NAP C . -16.69 6.25 -14.02
C6N NAP C . -16.73 6.48 -15.37
P2B NAP C . -4.71 9.05 -24.18
O1X NAP C . -4.20 8.02 -23.14
O2X NAP C . -3.84 9.10 -25.41
O3X NAP C . -4.88 10.48 -23.54
C1 GOL D . -6.14 0.73 -6.12
O1 GOL D . -5.89 1.54 -4.97
C2 GOL D . -5.44 -0.61 -6.09
O2 GOL D . -6.14 -1.49 -6.98
C3 GOL D . -4.00 -0.59 -6.52
O3 GOL D . -3.75 -1.69 -7.40
PA NAP E . 4.35 16.67 15.00
O1A NAP E . 3.74 15.88 13.88
O2A NAP E . 3.78 17.93 15.55
O5B NAP E . 4.50 15.64 16.24
C5B NAP E . 4.78 16.20 17.53
C4B NAP E . 4.38 15.22 18.61
O4B NAP E . 4.92 15.68 19.88
C3B NAP E . 2.88 15.08 18.86
O3B NAP E . 2.68 13.75 19.27
C2B NAP E . 2.64 16.21 19.88
O2B NAP E . 1.51 16.09 20.75
C1B NAP E . 3.89 16.09 20.75
N9A NAP E . 4.25 17.33 21.45
C8A NAP E . 4.44 18.59 20.93
N7A NAP E . 4.73 19.50 21.84
C5A NAP E . 4.70 18.80 23.03
C6A NAP E . 4.90 19.19 24.38
N6A NAP E . 5.21 20.42 24.78
N1A NAP E . 4.80 18.23 25.33
C2A NAP E . 4.52 16.97 24.96
N3A NAP E . 4.29 16.50 23.74
C4A NAP E . 4.41 17.47 22.81
O3 NAP E . 5.82 16.98 14.50
PN NAP E . 6.74 16.02 13.64
O1N NAP E . 6.65 16.39 12.20
O2N NAP E . 6.54 14.57 14.04
O5D NAP E . 8.12 16.51 14.22
C5D NAP E . 8.70 15.87 15.41
C4D NAP E . 10.13 16.31 15.51
O4D NAP E . 10.89 15.63 14.49
C3D NAP E . 10.37 17.83 15.28
O3D NAP E . 11.33 18.39 16.16
C2D NAP E . 10.87 17.92 13.83
O2D NAP E . 11.77 19.01 13.61
C1D NAP E . 11.60 16.57 13.69
N1N NAP E . 11.67 16.04 12.33
C2N NAP E . 10.57 16.04 11.52
C3N NAP E . 10.63 15.50 10.24
C7N NAP E . 9.45 15.57 9.33
O7N NAP E . 8.29 15.66 9.76
N7N NAP E . 9.71 15.76 8.04
C4N NAP E . 11.80 14.87 9.82
C5N NAP E . 12.88 14.82 10.68
C6N NAP E . 12.80 15.40 11.92
P2B NAP E . 0.02 16.01 20.14
O1X NAP E . -0.07 14.67 19.36
O2X NAP E . -0.82 16.03 21.36
O3X NAP E . -0.27 17.18 19.20
C1 GOL F . 5.21 3.02 4.94
O1 GOL F . 4.41 2.57 6.04
C2 GOL F . 4.42 3.84 3.93
O2 GOL F . 4.64 5.24 4.14
C3 GOL F . 4.71 3.54 2.46
O3 GOL F . 3.57 3.71 1.62
C1 GOL G . 15.71 20.56 6.26
O1 GOL G . 14.84 21.26 5.37
C2 GOL G . 15.47 20.93 7.71
O2 GOL G . 14.66 19.91 8.28
C3 GOL G . 16.76 21.14 8.50
O3 GOL G . 16.93 22.50 8.94
#